data_6F9Q
#
_entry.id   6F9Q
#
_cell.length_a   63.921
_cell.length_b   107.750
_cell.length_c   69.361
_cell.angle_alpha   90.000
_cell.angle_beta   104.260
_cell.angle_gamma   90.000
#
_symmetry.space_group_name_H-M   'P 1 21 1'
#
loop_
_entity.id
_entity.type
_entity.pdbx_description
1 polymer '7S-cis-cis-nepetalactol cyclase'
2 non-polymer NICOTINAMIDE-ADENINE-DINUCLEOTIDE
3 non-polymer 'CHLORIDE ION'
4 water water
#
_entity_poly.entity_id   1
_entity_poly.type   'polypeptide(L)'
_entity_poly.pdbx_seq_one_letter_code
;GPMANNSVMMKKKLEGKVAIVTGGASGIGEATARLFVKYGARAVVIADIQSELGRSVAESIGKERCSFVQCDVADEEQVK
SMIEWTATTYGGLDVMFSNAGVLNSAAQTVKDLDLPLFDKVMRVNTRGAAVCVKQAARKMVELGRGGSIICNAGSSAVRG
AHGVTDYVMSKHAVIGLVRSASMQLGAHSIRVNSVSPMAVATPLTRNQGISTPDDVQKFLMPFISLKGVPPTAEQVAEAA
AFLGSDEAAFVTGHDLPVDGGVLCMPFLLGSA
;
_entity_poly.pdbx_strand_id   A,B,C,D
#
loop_
_chem_comp.id
_chem_comp.type
_chem_comp.name
_chem_comp.formula
CL non-polymer 'CHLORIDE ION' 'Cl -1'
NAD non-polymer NICOTINAMIDE-ADENINE-DINUCLEOTIDE 'C21 H27 N7 O14 P2'
#
# COMPACT_ATOMS: atom_id res chain seq x y z
N LYS A 11 14.53 11.53 31.63
CA LYS A 11 13.29 12.28 31.31
C LYS A 11 12.24 11.42 30.67
N LYS A 12 11.03 11.42 31.23
CA LYS A 12 9.93 10.61 30.72
C LYS A 12 9.38 11.18 29.43
N LYS A 13 8.92 10.32 28.53
CA LYS A 13 8.80 10.73 27.13
C LYS A 13 7.68 11.75 26.89
N LEU A 14 6.71 11.89 27.81
CA LEU A 14 5.65 12.90 27.66
C LEU A 14 5.71 13.95 28.79
N GLU A 15 6.86 14.07 29.41
CA GLU A 15 7.03 14.99 30.53
C GLU A 15 6.53 16.38 30.17
N GLY A 16 5.61 16.89 30.99
CA GLY A 16 5.10 18.25 30.83
C GLY A 16 4.11 18.49 29.72
N LYS A 17 3.72 17.46 28.98
N LYS A 17 3.72 17.46 28.98
CA LYS A 17 2.85 17.63 27.82
CA LYS A 17 2.86 17.63 27.82
C LYS A 17 1.38 17.66 28.24
C LYS A 17 1.38 17.66 28.24
N VAL A 18 0.59 18.38 27.45
CA VAL A 18 -0.87 18.42 27.61
C VAL A 18 -1.46 17.57 26.49
N ALA A 19 -2.29 16.61 26.85
CA ALA A 19 -2.94 15.74 25.86
C ALA A 19 -4.45 15.72 25.99
N ILE A 20 -5.13 15.51 24.88
CA ILE A 20 -6.56 15.15 24.87
C ILE A 20 -6.67 13.73 24.33
N VAL A 21 -7.48 12.91 24.99
CA VAL A 21 -7.84 11.59 24.49
C VAL A 21 -9.34 11.53 24.31
N THR A 22 -9.79 11.53 23.07
CA THR A 22 -11.21 11.33 22.83
C THR A 22 -11.52 9.85 22.97
N GLY A 23 -12.72 9.54 23.45
CA GLY A 23 -13.06 8.16 23.76
C GLY A 23 -12.25 7.60 24.93
N GLY A 24 -11.75 8.49 25.80
CA GLY A 24 -10.90 8.07 26.91
C GLY A 24 -11.58 7.47 28.12
N ALA A 25 -12.91 7.33 28.10
CA ALA A 25 -13.61 6.76 29.25
C ALA A 25 -13.49 5.23 29.38
N SER A 26 -12.99 4.57 28.34
CA SER A 26 -13.01 3.11 28.29
C SER A 26 -11.88 2.60 27.40
N GLY A 27 -11.56 1.31 27.55
CA GLY A 27 -10.76 0.59 26.56
C GLY A 27 -9.41 1.19 26.26
N ILE A 28 -9.10 1.29 24.96
CA ILE A 28 -7.79 1.77 24.56
C ILE A 28 -7.57 3.22 24.96
N GLY A 29 -8.60 4.06 24.85
CA GLY A 29 -8.47 5.45 25.25
C GLY A 29 -8.16 5.62 26.72
N GLU A 30 -8.86 4.86 27.57
CA GLU A 30 -8.57 4.88 29.01
C GLU A 30 -7.14 4.44 29.26
N ALA A 31 -6.72 3.34 28.64
CA ALA A 31 -5.35 2.86 28.84
C ALA A 31 -4.32 3.88 28.39
N THR A 32 -4.62 4.58 27.33
CA THR A 32 -3.72 5.60 26.81
C THR A 32 -3.65 6.82 27.73
N ALA A 33 -4.80 7.29 28.21
CA ALA A 33 -4.80 8.38 29.20
C ALA A 33 -3.95 8.00 30.42
N ARG A 34 -4.13 6.78 30.91
CA ARG A 34 -3.36 6.32 32.06
C ARG A 34 -1.86 6.29 31.77
N LEU A 35 -1.50 5.74 30.60
CA LEU A 35 -0.08 5.63 30.25
C LEU A 35 0.55 6.99 30.02
N PHE A 36 -0.19 7.91 29.42
CA PHE A 36 0.32 9.28 29.19
C PHE A 36 0.69 9.93 30.52
N VAL A 37 -0.16 9.75 31.53
CA VAL A 37 0.16 10.27 32.87
C VAL A 37 1.39 9.56 33.46
N LYS A 38 1.47 8.25 33.32
CA LYS A 38 2.65 7.50 33.77
C LYS A 38 3.94 8.01 33.11
N TYR A 39 3.83 8.39 31.84
CA TYR A 39 4.97 8.94 31.09
C TYR A 39 5.16 10.44 31.26
N GLY A 40 4.54 11.03 32.27
CA GLY A 40 4.84 12.37 32.69
C GLY A 40 3.96 13.49 32.18
N ALA A 41 2.91 13.16 31.46
CA ALA A 41 2.01 14.23 30.94
C ALA A 41 1.51 15.11 32.08
N ARG A 42 1.57 16.44 31.87
CA ARG A 42 1.09 17.30 32.95
C ARG A 42 -0.41 17.39 33.07
N ALA A 43 -1.13 17.06 32.01
CA ALA A 43 -2.61 17.08 32.06
C ALA A 43 -3.08 16.25 30.87
N VAL A 44 -4.07 15.41 31.13
CA VAL A 44 -4.76 14.66 30.10
C VAL A 44 -6.23 14.95 30.25
N VAL A 45 -6.84 15.38 29.15
CA VAL A 45 -8.27 15.64 29.16
C VAL A 45 -8.93 14.48 28.43
N ILE A 46 -9.85 13.82 29.12
CA ILE A 46 -10.69 12.75 28.54
C ILE A 46 -11.94 13.41 27.99
N ALA A 47 -12.16 13.27 26.69
CA ALA A 47 -13.34 13.80 26.00
C ALA A 47 -14.20 12.62 25.58
N ASP A 48 -15.42 12.51 26.08
CA ASP A 48 -16.25 11.32 25.80
C ASP A 48 -17.71 11.67 25.97
N ILE A 49 -18.57 10.82 25.41
CA ILE A 49 -20.02 10.92 25.67
C ILE A 49 -20.47 10.12 26.87
N GLN A 50 -19.63 9.23 27.38
CA GLN A 50 -19.92 8.51 28.65
C GLN A 50 -19.43 9.40 29.81
N SER A 51 -20.30 10.26 30.31
N SER A 51 -20.30 10.26 30.31
CA SER A 51 -19.97 11.28 31.26
CA SER A 51 -19.96 11.28 31.26
C SER A 51 -19.74 10.71 32.64
C SER A 51 -19.74 10.71 32.64
N GLU A 52 -20.66 9.88 33.11
CA GLU A 52 -20.54 9.28 34.45
C GLU A 52 -19.25 8.45 34.52
N LEU A 53 -19.05 7.61 33.50
CA LEU A 53 -17.87 6.78 33.44
C LEU A 53 -16.60 7.61 33.29
N GLY A 54 -16.60 8.58 32.40
CA GLY A 54 -15.43 9.45 32.18
C GLY A 54 -15.02 10.19 33.42
N ARG A 55 -15.97 10.73 34.19
N ARG A 55 -15.97 10.73 34.19
CA ARG A 55 -15.64 11.40 35.45
CA ARG A 55 -15.63 11.38 35.45
C ARG A 55 -14.99 10.45 36.42
C ARG A 55 -14.98 10.44 36.43
N SER A 56 -15.52 9.23 36.49
N SER A 56 -15.52 9.22 36.49
CA SER A 56 -14.97 8.25 37.40
CA SER A 56 -14.97 8.23 37.40
C SER A 56 -13.52 7.83 37.01
C SER A 56 -13.52 7.83 37.01
N VAL A 57 -13.27 7.68 35.72
CA VAL A 57 -11.94 7.38 35.23
C VAL A 57 -10.97 8.52 35.53
N ALA A 58 -11.38 9.76 35.28
CA ALA A 58 -10.51 10.91 35.57
C ALA A 58 -10.16 10.97 37.06
N GLU A 59 -11.14 10.72 37.92
N GLU A 59 -11.14 10.72 37.92
CA GLU A 59 -10.91 10.67 39.35
CA GLU A 59 -10.89 10.68 39.36
C GLU A 59 -9.90 9.57 39.73
C GLU A 59 -9.90 9.57 39.73
N SER A 60 -10.03 8.41 39.11
CA SER A 60 -9.13 7.28 39.36
C SER A 60 -7.68 7.56 38.93
N ILE A 61 -7.50 8.25 37.80
CA ILE A 61 -6.18 8.63 37.32
C ILE A 61 -5.60 9.71 38.24
N GLY A 62 -6.45 10.63 38.69
CA GLY A 62 -6.04 11.68 39.63
C GLY A 62 -6.45 13.01 39.09
N LYS A 63 -7.29 13.73 39.82
CA LYS A 63 -7.81 15.01 39.34
C LYS A 63 -6.75 16.10 39.10
N GLU A 64 -5.59 15.97 39.74
N GLU A 64 -5.59 15.97 39.74
CA GLU A 64 -4.49 16.91 39.53
CA GLU A 64 -4.47 16.89 39.52
C GLU A 64 -3.85 16.74 38.15
C GLU A 64 -3.85 16.74 38.14
N ARG A 65 -4.02 15.56 37.54
N ARG A 65 -4.02 15.56 37.53
CA ARG A 65 -3.45 15.31 36.21
CA ARG A 65 -3.44 15.30 36.21
C ARG A 65 -4.47 15.03 35.12
C ARG A 65 -4.47 15.03 35.12
N CYS A 66 -5.74 14.85 35.47
CA CYS A 66 -6.72 14.36 34.48
C CYS A 66 -8.07 14.99 34.73
N SER A 67 -8.70 15.47 33.65
N SER A 67 -8.70 15.47 33.65
CA SER A 67 -10.00 16.11 33.71
CA SER A 67 -10.02 16.10 33.74
C SER A 67 -10.90 15.47 32.66
C SER A 67 -10.90 15.47 32.67
N PHE A 68 -12.20 15.46 32.92
CA PHE A 68 -13.16 14.96 31.98
C PHE A 68 -13.94 16.11 31.38
N VAL A 69 -14.16 16.08 30.07
CA VAL A 69 -15.08 17.01 29.39
C VAL A 69 -16.07 16.22 28.54
N GLN A 70 -17.36 16.46 28.76
N GLN A 70 -17.36 16.46 28.76
CA GLN A 70 -18.41 15.85 27.95
CA GLN A 70 -18.41 15.85 27.94
C GLN A 70 -18.29 16.36 26.53
C GLN A 70 -18.29 16.37 26.53
N CYS A 71 -18.19 15.46 25.56
CA CYS A 71 -17.96 15.88 24.18
C CYS A 71 -18.33 14.80 23.19
N ASP A 72 -19.24 15.12 22.26
CA ASP A 72 -19.54 14.30 21.08
C ASP A 72 -18.56 14.75 20.00
N VAL A 73 -17.65 13.87 19.62
CA VAL A 73 -16.58 14.22 18.67
C VAL A 73 -17.06 14.66 17.28
N ALA A 74 -18.28 14.29 16.91
CA ALA A 74 -18.83 14.69 15.60
C ALA A 74 -19.48 16.06 15.63
N ASP A 75 -19.59 16.68 16.81
CA ASP A 75 -20.23 17.98 17.00
C ASP A 75 -19.12 19.02 17.08
N GLU A 76 -18.96 19.80 16.02
CA GLU A 76 -17.82 20.69 15.92
C GLU A 76 -17.79 21.74 17.04
N GLU A 77 -18.96 22.28 17.41
N GLU A 77 -18.96 22.28 17.41
CA GLU A 77 -18.98 23.29 18.47
CA GLU A 77 -18.99 23.28 18.48
C GLU A 77 -18.55 22.69 19.81
C GLU A 77 -18.56 22.69 19.82
N GLN A 78 -18.96 21.46 20.10
N GLN A 78 -18.96 21.46 20.10
CA GLN A 78 -18.54 20.83 21.33
CA GLN A 78 -18.55 20.81 21.34
C GLN A 78 -17.07 20.51 21.37
C GLN A 78 -17.07 20.51 21.37
N VAL A 79 -16.52 20.07 20.25
CA VAL A 79 -15.09 19.80 20.16
C VAL A 79 -14.28 21.08 20.28
N LYS A 80 -14.70 22.12 19.58
CA LYS A 80 -14.01 23.42 19.68
C LYS A 80 -14.00 23.90 21.13
N SER A 81 -15.14 23.82 21.80
N SER A 81 -15.14 23.82 21.80
CA SER A 81 -15.26 24.26 23.20
CA SER A 81 -15.25 24.25 23.19
C SER A 81 -14.34 23.46 24.11
C SER A 81 -14.34 23.46 24.11
N MET A 82 -14.29 22.16 23.91
CA MET A 82 -13.45 21.27 24.72
C MET A 82 -11.95 21.58 24.53
N ILE A 83 -11.55 21.82 23.28
CA ILE A 83 -10.15 22.19 23.00
C ILE A 83 -9.81 23.55 23.55
N GLU A 84 -10.71 24.52 23.41
CA GLU A 84 -10.47 25.85 23.98
C GLU A 84 -10.31 25.76 25.47
N TRP A 85 -11.18 24.98 26.12
CA TRP A 85 -11.11 24.83 27.59
C TRP A 85 -9.79 24.19 27.97
N THR A 86 -9.35 23.17 27.23
CA THR A 86 -8.10 22.50 27.53
C THR A 86 -6.92 23.45 27.47
N ALA A 87 -6.83 24.15 26.34
CA ALA A 87 -5.71 25.05 26.11
C ALA A 87 -5.70 26.22 27.07
N THR A 88 -6.88 26.75 27.42
CA THR A 88 -6.97 27.88 28.37
C THR A 88 -6.65 27.41 29.77
N THR A 89 -7.16 26.28 30.16
CA THR A 89 -6.97 25.76 31.53
C THR A 89 -5.51 25.35 31.78
N TYR A 90 -4.87 24.71 30.81
CA TYR A 90 -3.56 24.15 31.00
C TYR A 90 -2.41 24.86 30.29
N GLY A 91 -2.73 25.87 29.45
CA GLY A 91 -1.74 26.67 28.79
C GLY A 91 -1.04 26.00 27.61
N GLY A 92 -1.71 25.06 26.98
CA GLY A 92 -1.10 24.36 25.85
C GLY A 92 -1.92 23.19 25.40
N LEU A 93 -1.45 22.59 24.32
CA LEU A 93 -2.04 21.37 23.76
C LEU A 93 -1.00 20.75 22.86
N ASP A 94 -0.39 19.66 23.33
CA ASP A 94 0.74 19.05 22.64
C ASP A 94 0.37 17.80 21.85
N VAL A 95 -0.61 17.04 22.35
CA VAL A 95 -1.02 15.78 21.74
C VAL A 95 -2.54 15.70 21.68
N MET A 96 -3.09 15.38 20.51
CA MET A 96 -4.52 15.03 20.37
C MET A 96 -4.55 13.58 19.94
N PHE A 97 -5.20 12.73 20.75
CA PHE A 97 -5.47 11.35 20.35
C PHE A 97 -6.97 11.24 20.05
N SER A 98 -7.30 11.31 18.77
CA SER A 98 -8.66 11.16 18.28
C SER A 98 -8.92 9.66 18.19
N ASN A 99 -9.51 9.13 19.26
CA ASN A 99 -9.64 7.69 19.50
C ASN A 99 -11.08 7.20 19.53
N ALA A 100 -12.05 8.08 19.78
CA ALA A 100 -13.45 7.66 19.83
C ALA A 100 -13.84 6.91 18.56
N GLY A 101 -14.66 5.89 18.74
CA GLY A 101 -15.23 5.19 17.60
C GLY A 101 -16.40 4.34 18.02
N VAL A 102 -17.11 3.85 17.02
CA VAL A 102 -18.26 2.97 17.23
C VAL A 102 -18.22 1.84 16.21
N LEU A 103 -18.83 0.74 16.62
CA LEU A 103 -18.97 -0.47 15.79
C LEU A 103 -20.36 -1.00 16.06
N ASN A 104 -21.13 -1.23 15.01
CA ASN A 104 -22.51 -1.71 15.17
C ASN A 104 -22.51 -3.20 15.52
N SER A 105 -23.57 -3.64 16.18
CA SER A 105 -23.78 -5.06 16.45
C SER A 105 -24.30 -5.83 15.24
N ALA A 106 -24.98 -5.13 14.33
CA ALA A 106 -25.45 -5.74 13.08
C ALA A 106 -24.26 -6.18 12.23
N ALA A 107 -24.43 -7.22 11.42
CA ALA A 107 -23.31 -7.80 10.68
C ALA A 107 -22.70 -6.80 9.67
N GLN A 108 -23.55 -5.97 9.08
CA GLN A 108 -23.14 -4.97 8.10
C GLN A 108 -22.35 -5.54 6.92
N THR A 109 -22.85 -6.66 6.38
CA THR A 109 -22.44 -7.09 5.05
C THR A 109 -22.93 -6.03 4.05
N VAL A 110 -22.26 -5.91 2.90
N VAL A 110 -22.24 -5.94 2.90
CA VAL A 110 -22.71 -4.89 1.95
CA VAL A 110 -22.66 -4.99 1.89
C VAL A 110 -24.08 -5.28 1.35
C VAL A 110 -24.08 -5.29 1.35
N LYS A 111 -24.31 -6.58 1.09
N LYS A 111 -24.31 -6.58 1.09
CA LYS A 111 -25.60 -7.01 0.49
CA LYS A 111 -25.57 -7.02 0.51
C LYS A 111 -26.78 -6.67 1.42
C LYS A 111 -26.77 -6.67 1.41
N ASP A 112 -26.57 -6.74 2.73
CA ASP A 112 -27.63 -6.44 3.67
C ASP A 112 -27.31 -5.25 4.55
N LEU A 113 -26.62 -4.26 3.99
CA LEU A 113 -26.15 -3.13 4.76
C LEU A 113 -27.33 -2.31 5.33
N ASP A 114 -27.30 -2.02 6.62
CA ASP A 114 -28.28 -1.13 7.23
C ASP A 114 -27.75 0.30 7.07
N LEU A 115 -28.43 1.09 6.25
CA LEU A 115 -27.88 2.40 5.90
C LEU A 115 -27.91 3.39 7.08
N PRO A 116 -28.98 3.41 7.89
CA PRO A 116 -28.92 4.30 9.04
C PRO A 116 -27.77 3.96 9.99
N LEU A 117 -27.46 2.66 10.15
CA LEU A 117 -26.32 2.27 10.98
C LEU A 117 -24.96 2.61 10.33
N PHE A 118 -24.88 2.49 9.01
CA PHE A 118 -23.74 3.01 8.25
C PHE A 118 -23.55 4.49 8.54
N ASP A 119 -24.64 5.25 8.53
CA ASP A 119 -24.54 6.68 8.77
C ASP A 119 -23.95 6.96 10.17
N LYS A 120 -24.36 6.19 11.16
CA LYS A 120 -23.83 6.37 12.53
C LYS A 120 -22.36 6.14 12.60
N VAL A 121 -21.90 5.03 12.04
CA VAL A 121 -20.47 4.68 12.03
C VAL A 121 -19.67 5.73 11.28
N MET A 122 -20.13 6.13 10.10
CA MET A 122 -19.40 7.14 9.37
C MET A 122 -19.34 8.48 10.10
N ARG A 123 -20.41 8.83 10.79
CA ARG A 123 -20.45 10.09 11.56
C ARG A 123 -19.39 10.09 12.66
N VAL A 124 -19.41 9.10 13.53
CA VAL A 124 -18.44 9.10 14.64
C VAL A 124 -17.03 8.89 14.15
N ASN A 125 -16.85 7.90 13.27
CA ASN A 125 -15.50 7.45 12.95
C ASN A 125 -14.83 8.32 11.89
N THR A 126 -15.59 8.97 11.00
CA THR A 126 -14.99 9.84 9.96
C THR A 126 -15.25 11.32 10.22
N ARG A 127 -16.47 11.70 10.51
CA ARG A 127 -16.76 13.10 10.83
C ARG A 127 -16.09 13.49 12.15
N GLY A 128 -16.16 12.61 13.13
CA GLY A 128 -15.47 12.87 14.40
C GLY A 128 -13.97 13.01 14.23
N ALA A 129 -13.36 12.17 13.41
CA ALA A 129 -11.93 12.30 13.14
C ALA A 129 -11.63 13.64 12.48
N ALA A 130 -12.39 13.98 11.45
CA ALA A 130 -12.17 15.24 10.72
C ALA A 130 -12.31 16.45 11.64
N VAL A 131 -13.34 16.46 12.47
CA VAL A 131 -13.57 17.54 13.42
C VAL A 131 -12.42 17.67 14.42
N CYS A 132 -12.01 16.55 14.99
CA CYS A 132 -10.94 16.56 16.01
C CYS A 132 -9.59 16.96 15.41
N VAL A 133 -9.28 16.48 14.22
CA VAL A 133 -8.05 16.86 13.56
C VAL A 133 -8.08 18.34 13.21
N LYS A 134 -9.18 18.81 12.64
CA LYS A 134 -9.33 20.24 12.31
C LYS A 134 -9.11 21.11 13.53
N GLN A 135 -9.88 20.83 14.57
CA GLN A 135 -9.89 21.72 15.72
C GLN A 135 -8.57 21.65 16.52
N ALA A 136 -7.97 20.47 16.61
CA ALA A 136 -6.64 20.37 17.24
C ALA A 136 -5.62 21.13 16.41
N ALA A 137 -5.68 20.96 15.10
CA ALA A 137 -4.74 21.67 14.21
C ALA A 137 -4.85 23.17 14.35
N ARG A 138 -6.06 23.70 14.43
N ARG A 138 -6.06 23.70 14.43
CA ARG A 138 -6.22 25.15 14.59
CA ARG A 138 -6.22 25.15 14.59
C ARG A 138 -5.54 25.65 15.86
C ARG A 138 -5.54 25.65 15.86
N LYS A 139 -5.76 24.95 16.96
CA LYS A 139 -5.17 25.36 18.22
C LYS A 139 -3.64 25.19 18.19
N MET A 140 -3.16 24.09 17.63
CA MET A 140 -1.70 23.89 17.52
C MET A 140 -1.04 24.96 16.64
N VAL A 141 -1.66 25.31 15.52
CA VAL A 141 -1.12 26.37 14.67
C VAL A 141 -1.08 27.69 15.43
N GLU A 142 -2.15 28.00 16.17
CA GLU A 142 -2.21 29.21 16.94
C GLU A 142 -1.08 29.28 17.98
N LEU A 143 -0.78 28.17 18.66
CA LEU A 143 0.20 28.19 19.74
C LEU A 143 1.65 28.18 19.26
N GLY A 144 1.91 27.69 18.05
CA GLY A 144 3.23 27.83 17.46
C GLY A 144 4.31 26.97 18.04
N ARG A 145 3.93 25.82 18.63
CA ARG A 145 4.88 24.90 19.26
C ARG A 145 4.88 23.53 18.59
N GLY A 146 4.36 23.42 17.39
CA GLY A 146 4.23 22.13 16.73
C GLY A 146 3.14 21.32 17.42
N GLY A 147 3.22 20.01 17.34
CA GLY A 147 2.24 19.15 17.98
C GLY A 147 2.16 17.80 17.29
N SER A 148 1.44 16.89 17.94
CA SER A 148 1.28 15.54 17.44
C SER A 148 -0.19 15.14 17.52
N ILE A 149 -0.77 14.82 16.37
CA ILE A 149 -2.15 14.42 16.27
C ILE A 149 -2.16 12.95 15.84
N ILE A 150 -2.91 12.13 16.56
CA ILE A 150 -2.96 10.69 16.33
C ILE A 150 -4.41 10.28 16.20
N CYS A 151 -4.75 9.51 15.16
CA CYS A 151 -6.09 8.92 15.03
C CYS A 151 -6.02 7.44 15.31
N ASN A 152 -7.05 6.88 15.91
CA ASN A 152 -7.14 5.45 16.11
C ASN A 152 -7.93 4.85 14.94
N ALA A 153 -7.19 4.19 14.06
CA ALA A 153 -7.76 3.58 12.85
C ALA A 153 -8.12 2.12 13.13
N GLY A 154 -7.29 1.16 12.74
CA GLY A 154 -7.55 -0.26 12.95
C GLY A 154 -6.99 -1.08 11.81
N SER A 155 -6.86 -2.38 12.04
CA SER A 155 -6.36 -3.26 10.98
C SER A 155 -7.24 -3.21 9.74
N SER A 156 -8.54 -2.94 9.91
CA SER A 156 -9.46 -2.82 8.77
C SER A 156 -9.29 -1.51 7.99
N ALA A 157 -8.36 -0.64 8.38
CA ALA A 157 -8.08 0.56 7.62
C ALA A 157 -7.35 0.31 6.31
N VAL A 158 -6.71 -0.85 6.19
CA VAL A 158 -5.82 -1.15 5.04
C VAL A 158 -6.15 -2.46 4.35
N ARG A 159 -7.31 -3.03 4.69
CA ARG A 159 -7.73 -4.30 4.10
C ARG A 159 -9.23 -4.39 4.17
N GLY A 160 -9.81 -5.22 3.33
CA GLY A 160 -11.26 -5.45 3.37
C GLY A 160 -11.62 -6.43 4.46
N ALA A 161 -12.90 -6.49 4.79
CA ALA A 161 -13.43 -7.48 5.72
C ALA A 161 -14.65 -8.15 5.17
N HIS A 162 -15.05 -9.24 5.81
CA HIS A 162 -16.19 -10.07 5.43
C HIS A 162 -17.53 -9.57 5.96
N GLY A 163 -17.48 -8.51 6.76
CA GLY A 163 -18.68 -7.82 7.25
C GLY A 163 -18.20 -6.47 7.72
N VAL A 164 -18.93 -5.87 8.65
CA VAL A 164 -18.57 -4.58 9.23
C VAL A 164 -18.13 -3.56 8.15
N THR A 165 -18.87 -3.55 7.04
CA THR A 165 -18.43 -2.85 5.83
C THR A 165 -18.34 -1.36 6.09
N ASP A 166 -19.33 -0.82 6.81
CA ASP A 166 -19.31 0.58 7.20
C ASP A 166 -18.05 0.94 7.99
N TYR A 167 -17.74 0.09 8.96
CA TYR A 167 -16.55 0.29 9.78
C TYR A 167 -15.26 0.28 8.96
N VAL A 168 -15.14 -0.68 8.03
CA VAL A 168 -13.98 -0.73 7.15
C VAL A 168 -13.86 0.57 6.35
N MET A 169 -14.97 0.99 5.74
CA MET A 169 -14.95 2.25 4.98
C MET A 169 -14.50 3.42 5.87
N SER A 170 -15.02 3.46 7.09
CA SER A 170 -14.70 4.56 8.00
C SER A 170 -13.22 4.60 8.33
N LYS A 171 -12.61 3.43 8.52
CA LYS A 171 -11.19 3.38 8.89
C LYS A 171 -10.28 3.67 7.71
N HIS A 172 -10.67 3.25 6.50
CA HIS A 172 -9.98 3.69 5.31
C HIS A 172 -10.01 5.23 5.16
N ALA A 173 -11.17 5.83 5.43
CA ALA A 173 -11.29 7.29 5.37
C ALA A 173 -10.35 7.98 6.36
N VAL A 174 -10.19 7.40 7.54
CA VAL A 174 -9.24 7.94 8.53
C VAL A 174 -7.82 7.98 7.97
N ILE A 175 -7.40 6.93 7.27
CA ILE A 175 -6.09 6.93 6.66
C ILE A 175 -5.96 8.10 5.68
N GLY A 176 -6.97 8.33 4.85
CA GLY A 176 -6.91 9.46 3.92
C GLY A 176 -6.79 10.81 4.62
N LEU A 177 -7.51 10.95 5.73
CA LEU A 177 -7.40 12.13 6.56
C LEU A 177 -6.00 12.32 7.13
N VAL A 178 -5.44 11.26 7.67
CA VAL A 178 -4.10 11.30 8.28
C VAL A 178 -3.06 11.68 7.22
N ARG A 179 -3.13 11.04 6.06
CA ARG A 179 -2.17 11.37 5.00
C ARG A 179 -2.28 12.83 4.58
N SER A 180 -3.49 13.29 4.34
CA SER A 180 -3.72 14.67 3.90
C SER A 180 -3.32 15.66 4.96
N ALA A 181 -3.76 15.43 6.20
CA ALA A 181 -3.44 16.34 7.28
C ALA A 181 -1.93 16.44 7.49
N SER A 182 -1.23 15.31 7.37
N SER A 182 -1.23 15.31 7.37
CA SER A 182 0.22 15.31 7.54
CA SER A 182 0.23 15.31 7.55
C SER A 182 0.90 16.21 6.51
C SER A 182 0.90 16.21 6.52
N MET A 183 0.41 16.15 5.28
N MET A 183 0.41 16.15 5.28
CA MET A 183 0.95 16.96 4.20
CA MET A 183 0.95 16.96 4.20
C MET A 183 0.67 18.44 4.41
C MET A 183 0.67 18.44 4.41
N GLN A 184 -0.52 18.75 4.90
CA GLN A 184 -0.97 20.14 5.03
C GLN A 184 -0.45 20.84 6.27
N LEU A 185 -0.21 20.09 7.34
CA LEU A 185 0.16 20.67 8.62
C LEU A 185 1.65 20.55 8.94
N GLY A 186 2.40 19.82 8.14
CA GLY A 186 3.83 19.73 8.34
C GLY A 186 4.55 21.05 8.26
N ALA A 187 4.01 22.03 7.51
CA ALA A 187 4.62 23.35 7.44
C ALA A 187 4.70 24.02 8.82
N HIS A 188 3.76 23.67 9.71
CA HIS A 188 3.74 24.19 11.08
C HIS A 188 4.36 23.23 12.10
N SER A 189 5.15 22.25 11.64
CA SER A 189 5.80 21.27 12.52
C SER A 189 4.77 20.42 13.29
N ILE A 190 3.60 20.23 12.71
CA ILE A 190 2.58 19.37 13.33
C ILE A 190 2.61 18.03 12.61
N ARG A 191 2.73 16.96 13.37
CA ARG A 191 2.73 15.59 12.84
C ARG A 191 1.33 15.01 12.96
N VAL A 192 0.98 14.16 12.00
CA VAL A 192 -0.30 13.47 12.01
C VAL A 192 -0.06 12.03 11.63
N ASN A 193 -0.53 11.11 12.49
CA ASN A 193 -0.31 9.69 12.30
C ASN A 193 -1.54 8.93 12.81
N SER A 194 -1.59 7.64 12.55
CA SER A 194 -2.60 6.78 13.15
C SER A 194 -1.95 5.59 13.84
N VAL A 195 -2.70 5.03 14.80
CA VAL A 195 -2.41 3.71 15.36
C VAL A 195 -3.52 2.79 14.96
N SER A 196 -3.21 1.53 14.71
CA SER A 196 -4.22 0.56 14.22
C SER A 196 -4.20 -0.72 15.05
N PRO A 197 -5.11 -0.82 16.02
CA PRO A 197 -5.25 -2.04 16.80
C PRO A 197 -6.08 -3.09 16.11
N MET A 198 -6.23 -4.23 16.81
CA MET A 198 -6.97 -5.37 16.26
C MET A 198 -7.64 -6.25 17.31
N ALA A 199 -6.94 -6.52 18.41
CA ALA A 199 -7.24 -7.69 19.23
C ALA A 199 -7.39 -7.39 20.72
N VAL A 200 -7.91 -6.21 21.04
CA VAL A 200 -8.15 -5.81 22.43
C VAL A 200 -9.64 -5.95 22.70
N ALA A 201 -10.02 -6.80 23.64
CA ALA A 201 -11.45 -6.95 23.97
C ALA A 201 -11.92 -5.73 24.74
N THR A 202 -12.94 -5.06 24.23
CA THR A 202 -13.48 -3.83 24.82
C THR A 202 -15.00 -3.82 24.64
N PRO A 203 -15.71 -2.87 25.25
CA PRO A 203 -17.15 -2.76 24.96
C PRO A 203 -17.47 -2.59 23.49
N LEU A 204 -16.59 -1.93 22.74
CA LEU A 204 -16.78 -1.78 21.29
C LEU A 204 -16.70 -3.14 20.58
N THR A 205 -15.69 -3.93 20.89
CA THR A 205 -15.53 -5.21 20.21
C THR A 205 -16.59 -6.23 20.63
N ARG A 206 -17.17 -6.05 21.81
N ARG A 206 -17.17 -6.05 21.81
CA ARG A 206 -18.30 -6.86 22.27
CA ARG A 206 -18.31 -6.86 22.27
C ARG A 206 -19.47 -6.81 21.29
C ARG A 206 -19.47 -6.81 21.29
N ASN A 207 -19.61 -5.71 20.54
CA ASN A 207 -20.67 -5.61 19.52
C ASN A 207 -20.53 -6.65 18.43
N GLN A 208 -19.32 -7.16 18.20
CA GLN A 208 -19.09 -8.26 17.26
C GLN A 208 -18.62 -9.54 17.95
N GLY A 209 -19.05 -9.74 19.20
CA GLY A 209 -18.81 -10.99 19.90
C GLY A 209 -17.44 -11.23 20.48
N ILE A 210 -16.63 -10.18 20.59
CA ILE A 210 -15.29 -10.29 21.20
C ILE A 210 -15.35 -9.61 22.57
N SER A 211 -15.62 -10.40 23.60
N SER A 211 -15.62 -10.40 23.60
CA SER A 211 -15.86 -9.90 24.96
CA SER A 211 -15.85 -9.90 24.96
C SER A 211 -14.71 -10.18 25.92
C SER A 211 -14.71 -10.18 25.92
N THR A 212 -14.06 -11.33 25.76
CA THR A 212 -13.01 -11.75 26.67
C THR A 212 -11.70 -11.97 25.91
N PRO A 213 -10.57 -11.99 26.65
CA PRO A 213 -9.30 -12.44 26.04
C PRO A 213 -9.39 -13.85 25.42
N ASP A 214 -10.20 -14.73 25.96
CA ASP A 214 -10.43 -16.05 25.36
C ASP A 214 -11.14 -15.96 23.98
N ASP A 215 -12.11 -15.05 23.84
CA ASP A 215 -12.74 -14.79 22.53
C ASP A 215 -11.68 -14.31 21.54
N VAL A 216 -10.78 -13.45 21.99
CA VAL A 216 -9.68 -12.99 21.12
C VAL A 216 -8.84 -14.20 20.65
N GLN A 217 -8.48 -15.09 21.57
CA GLN A 217 -7.71 -16.28 21.21
C GLN A 217 -8.43 -17.20 20.21
N LYS A 218 -9.72 -17.42 20.43
CA LYS A 218 -10.47 -18.34 19.60
C LYS A 218 -10.81 -17.78 18.21
N PHE A 219 -11.21 -16.51 18.16
CA PHE A 219 -11.76 -15.93 16.91
C PHE A 219 -10.79 -15.07 16.12
N LEU A 220 -9.89 -14.37 16.80
CA LEU A 220 -8.99 -13.42 16.13
C LEU A 220 -7.59 -13.96 15.92
N MET A 221 -7.04 -14.62 16.94
CA MET A 221 -5.64 -15.06 16.87
C MET A 221 -5.30 -16.02 15.73
N PRO A 222 -6.24 -16.82 15.23
CA PRO A 222 -5.87 -17.65 14.05
C PRO A 222 -5.43 -16.81 12.84
N PHE A 223 -5.83 -15.54 12.80
CA PHE A 223 -5.53 -14.64 11.70
C PHE A 223 -4.35 -13.74 11.97
N ILE A 224 -3.62 -13.99 13.08
CA ILE A 224 -2.56 -13.10 13.57
C ILE A 224 -1.26 -13.90 13.68
N SER A 225 -0.17 -13.37 13.13
CA SER A 225 1.10 -14.11 13.09
C SER A 225 1.79 -14.27 14.43
N LEU A 226 1.80 -13.22 15.23
CA LEU A 226 2.61 -13.18 16.42
C LEU A 226 1.93 -13.95 17.55
N LYS A 227 2.57 -15.03 17.99
CA LYS A 227 2.08 -15.90 19.06
C LYS A 227 2.87 -15.68 20.34
N GLY A 228 2.29 -16.10 21.48
CA GLY A 228 2.96 -16.02 22.76
C GLY A 228 3.04 -14.65 23.39
N VAL A 229 2.30 -13.69 22.83
CA VAL A 229 2.27 -12.32 23.33
C VAL A 229 0.80 -11.91 23.41
N PRO A 230 0.16 -12.11 24.56
CA PRO A 230 -1.25 -11.76 24.65
C PRO A 230 -1.52 -10.30 24.34
N PRO A 231 -2.52 -10.02 23.47
CA PRO A 231 -2.76 -8.62 23.12
C PRO A 231 -3.44 -7.85 24.24
N THR A 232 -3.03 -6.59 24.42
CA THR A 232 -3.54 -5.75 25.50
C THR A 232 -3.82 -4.33 25.01
N ALA A 233 -4.65 -3.60 25.76
CA ALA A 233 -4.88 -2.20 25.50
C ALA A 233 -3.59 -1.39 25.68
N GLU A 234 -2.78 -1.80 26.66
N GLU A 234 -2.78 -1.80 26.66
CA GLU A 234 -1.56 -1.07 26.99
CA GLU A 234 -1.57 -1.07 26.99
C GLU A 234 -0.57 -1.06 25.81
C GLU A 234 -0.57 -1.06 25.81
N GLN A 235 -0.54 -2.13 25.01
CA GLN A 235 0.34 -2.15 23.82
C GLN A 235 -0.03 -1.04 22.82
N VAL A 236 -1.33 -0.81 22.67
CA VAL A 236 -1.78 0.25 21.77
C VAL A 236 -1.39 1.62 22.37
N ALA A 237 -1.60 1.77 23.67
CA ALA A 237 -1.19 2.99 24.37
C ALA A 237 0.29 3.27 24.20
N GLU A 238 1.14 2.24 24.22
CA GLU A 238 2.59 2.43 24.02
C GLU A 238 2.88 3.03 22.66
N ALA A 239 2.18 2.55 21.63
CA ALA A 239 2.36 3.09 20.30
C ALA A 239 1.92 4.54 20.21
N ALA A 240 0.79 4.86 20.85
CA ALA A 240 0.31 6.24 20.89
C ALA A 240 1.31 7.14 21.64
N ALA A 241 1.89 6.63 22.72
CA ALA A 241 2.86 7.45 23.47
C ALA A 241 4.13 7.68 22.67
N PHE A 242 4.60 6.67 21.93
CA PHE A 242 5.71 6.85 21.02
C PHE A 242 5.41 7.95 20.01
N LEU A 243 4.27 7.82 19.32
CA LEU A 243 3.91 8.81 18.29
C LEU A 243 3.66 10.21 18.86
N GLY A 244 3.16 10.29 20.08
CA GLY A 244 2.89 11.56 20.74
C GLY A 244 4.11 12.28 21.24
N SER A 245 5.22 11.57 21.33
CA SER A 245 6.45 12.06 21.94
C SER A 245 7.50 12.47 20.92
N ASP A 246 8.57 13.09 21.40
CA ASP A 246 9.71 13.40 20.55
C ASP A 246 10.52 12.19 20.11
N GLU A 247 10.20 10.99 20.61
CA GLU A 247 10.80 9.77 20.08
C GLU A 247 10.42 9.59 18.61
N ALA A 248 9.27 10.16 18.23
CA ALA A 248 8.75 10.12 16.86
C ALA A 248 8.78 11.50 16.19
N ALA A 249 9.80 12.29 16.53
CA ALA A 249 9.88 13.69 16.09
C ALA A 249 9.83 13.92 14.58
N PHE A 250 10.27 12.93 13.81
CA PHE A 250 10.33 13.05 12.35
C PHE A 250 9.44 12.00 11.67
N VAL A 251 8.42 11.53 12.38
CA VAL A 251 7.47 10.53 11.87
C VAL A 251 6.12 11.19 11.63
N THR A 252 5.65 11.17 10.39
CA THR A 252 4.36 11.77 10.07
C THR A 252 3.77 11.09 8.85
N GLY A 253 2.45 11.14 8.77
CA GLY A 253 1.70 10.57 7.66
C GLY A 253 1.57 9.06 7.69
N HIS A 254 1.82 8.47 8.84
CA HIS A 254 2.04 7.05 8.97
C HIS A 254 0.96 6.36 9.78
N ASP A 255 0.62 5.12 9.41
CA ASP A 255 -0.21 4.24 10.19
C ASP A 255 0.67 3.19 10.87
N LEU A 256 0.60 3.12 12.19
CA LEU A 256 1.39 2.21 13.00
C LEU A 256 0.48 1.11 13.56
N PRO A 257 0.51 -0.08 12.97
CA PRO A 257 -0.37 -1.16 13.42
C PRO A 257 0.17 -1.85 14.65
N VAL A 258 -0.72 -2.10 15.60
CA VAL A 258 -0.42 -2.84 16.80
C VAL A 258 -1.36 -4.01 16.77
N ASP A 259 -1.00 -5.00 15.94
CA ASP A 259 -1.95 -6.05 15.58
C ASP A 259 -1.34 -7.43 15.42
N GLY A 260 -0.07 -7.60 15.78
CA GLY A 260 0.55 -8.91 15.71
C GLY A 260 0.77 -9.46 14.31
N GLY A 261 0.57 -8.66 13.28
CA GLY A 261 0.70 -9.08 11.92
C GLY A 261 -0.56 -9.80 11.46
N VAL A 262 -1.51 -9.03 10.89
CA VAL A 262 -2.77 -9.59 10.48
C VAL A 262 -2.66 -10.21 9.10
N LEU A 263 -2.95 -11.50 8.99
CA LEU A 263 -2.89 -12.20 7.71
C LEU A 263 -4.03 -11.74 6.80
N CYS A 264 -5.24 -11.72 7.35
CA CYS A 264 -6.43 -11.21 6.70
C CYS A 264 -7.47 -11.06 7.80
N MET A 265 -8.57 -10.34 7.54
CA MET A 265 -9.60 -10.18 8.56
C MET A 265 -10.35 -11.52 8.76
N PRO A 266 -10.76 -11.82 10.00
CA PRO A 266 -11.51 -13.06 10.25
C PRO A 266 -12.79 -13.26 9.42
N PHE A 267 -13.12 -14.49 9.07
CA PHE A 267 -14.39 -14.82 8.36
C PHE A 267 -15.60 -14.63 9.28
N LYS B 11 12.55 2.20 34.44
CA LYS B 11 13.36 1.16 33.68
C LYS B 11 13.51 1.59 32.22
N LYS B 12 14.75 1.61 31.74
CA LYS B 12 15.05 2.00 30.37
C LYS B 12 14.66 0.89 29.40
N LYS B 13 14.25 1.30 28.20
CA LYS B 13 13.47 0.40 27.36
C LYS B 13 14.24 -0.78 26.80
N LEU B 14 15.60 -0.74 26.79
CA LEU B 14 16.40 -1.88 26.31
C LEU B 14 17.23 -2.46 27.44
N GLU B 15 16.83 -2.21 28.68
CA GLU B 15 17.61 -2.68 29.81
C GLU B 15 17.94 -4.18 29.69
N GLY B 16 19.23 -4.49 29.76
CA GLY B 16 19.71 -5.86 29.76
C GLY B 16 19.72 -6.59 28.43
N LYS B 17 19.29 -5.94 27.35
CA LYS B 17 19.19 -6.61 26.06
C LYS B 17 20.53 -6.60 25.31
N VAL B 18 20.74 -7.64 24.53
CA VAL B 18 21.95 -7.77 23.69
C VAL B 18 21.52 -7.49 22.26
N ALA B 19 22.21 -6.55 21.61
CA ALA B 19 21.88 -6.16 20.24
C ALA B 19 23.06 -6.31 19.32
N ILE B 20 22.77 -6.60 18.06
CA ILE B 20 23.74 -6.46 16.96
C ILE B 20 23.25 -5.35 16.07
N VAL B 21 24.15 -4.46 15.67
CA VAL B 21 23.89 -3.48 14.63
C VAL B 21 24.85 -3.73 13.50
N THR B 22 24.36 -4.26 12.39
CA THR B 22 25.21 -4.37 11.20
C THR B 22 25.32 -3.00 10.57
N GLY B 23 26.47 -2.71 9.97
CA GLY B 23 26.74 -1.36 9.51
C GLY B 23 26.83 -0.33 10.64
N GLY B 24 27.19 -0.78 11.84
CA GLY B 24 27.25 0.12 13.01
C GLY B 24 28.47 0.99 13.13
N ALA B 25 29.40 0.92 12.17
CA ALA B 25 30.60 1.76 12.23
C ALA B 25 30.36 3.21 11.80
N SER B 26 29.20 3.51 11.24
CA SER B 26 28.96 4.80 10.60
C SER B 26 27.49 5.17 10.65
N GLY B 27 27.21 6.46 10.50
CA GLY B 27 25.88 6.93 10.21
C GLY B 27 24.78 6.49 11.13
N ILE B 28 23.69 6.00 10.55
CA ILE B 28 22.54 5.60 11.34
C ILE B 28 22.85 4.43 12.26
N GLY B 29 23.62 3.46 11.79
CA GLY B 29 24.00 2.32 12.63
C GLY B 29 24.79 2.74 13.85
N GLU B 30 25.76 3.64 13.66
CA GLU B 30 26.53 4.17 14.80
C GLU B 30 25.60 4.86 15.80
N ALA B 31 24.72 5.72 15.29
CA ALA B 31 23.82 6.44 16.16
C ALA B 31 22.90 5.49 16.94
N THR B 32 22.49 4.42 16.27
CA THR B 32 21.64 3.42 16.88
C THR B 32 22.36 2.62 17.97
N ALA B 33 23.59 2.20 17.68
CA ALA B 33 24.41 1.55 18.70
C ALA B 33 24.53 2.43 19.95
N ARG B 34 24.83 3.71 19.73
CA ARG B 34 24.97 4.65 20.85
C ARG B 34 23.68 4.76 21.66
N LEU B 35 22.56 4.90 20.94
CA LEU B 35 21.28 5.08 21.63
C LEU B 35 20.85 3.82 22.37
N PHE B 36 21.12 2.65 21.78
CA PHE B 36 20.77 1.38 22.43
C PHE B 36 21.47 1.27 23.78
N VAL B 37 22.75 1.66 23.83
CA VAL B 37 23.47 1.68 25.10
C VAL B 37 22.89 2.70 26.08
N LYS B 38 22.54 3.89 25.59
CA LYS B 38 21.89 4.88 26.43
C LYS B 38 20.57 4.36 27.04
N TYR B 39 19.86 3.54 26.27
CA TYR B 39 18.62 2.93 26.72
C TYR B 39 18.80 1.60 27.48
N GLY B 40 20.03 1.35 27.94
CA GLY B 40 20.26 0.28 28.88
C GLY B 40 20.69 -1.06 28.34
N ALA B 41 20.95 -1.15 27.02
CA ALA B 41 21.42 -2.41 26.47
C ALA B 41 22.61 -2.97 27.26
N ARG B 42 22.61 -4.26 27.51
N ARG B 42 22.61 -4.28 27.51
CA ARG B 42 23.77 -4.93 28.12
CA ARG B 42 23.76 -4.94 28.11
C ARG B 42 24.96 -4.78 27.22
C ARG B 42 24.96 -4.78 27.22
N ALA B 43 24.75 -4.98 25.93
CA ALA B 43 25.80 -4.80 24.95
C ALA B 43 25.27 -4.62 23.56
N VAL B 44 26.07 -3.95 22.75
CA VAL B 44 25.83 -3.84 21.32
C VAL B 44 27.07 -4.32 20.60
N VAL B 45 26.89 -5.24 19.67
CA VAL B 45 27.94 -5.65 18.78
C VAL B 45 27.78 -4.92 17.46
N ILE B 46 28.84 -4.21 17.07
CA ILE B 46 28.91 -3.54 15.76
C ILE B 46 29.55 -4.52 14.81
N ALA B 47 28.79 -4.90 13.77
CA ALA B 47 29.24 -5.86 12.76
C ALA B 47 29.42 -5.06 11.46
N ASP B 48 30.66 -4.94 10.99
CA ASP B 48 30.93 -4.04 9.86
C ASP B 48 32.18 -4.53 9.16
N ILE B 49 32.39 -4.06 7.95
CA ILE B 49 33.61 -4.32 7.19
C ILE B 49 34.68 -3.27 7.42
N GLN B 50 34.31 -2.11 7.97
CA GLN B 50 35.31 -1.02 8.22
C GLN B 50 35.88 -1.27 9.62
N SER B 51 37.00 -1.98 9.70
N SER B 51 37.01 -1.97 9.69
CA SER B 51 37.50 -2.45 10.99
CA SER B 51 37.51 -2.45 10.98
C SER B 51 38.05 -1.33 11.90
C SER B 51 38.04 -1.33 11.89
N GLU B 52 38.88 -0.46 11.35
N GLU B 52 38.90 -0.45 11.30
CA GLU B 52 39.44 0.62 12.15
CA GLU B 52 39.37 0.54 12.26
C GLU B 52 38.34 1.56 12.63
C GLU B 52 38.31 1.54 12.66
N LEU B 53 37.42 1.89 11.75
CA LEU B 53 36.31 2.76 12.10
C LEU B 53 35.38 2.10 13.13
N GLY B 54 35.06 0.83 12.91
CA GLY B 54 34.22 0.12 13.87
C GLY B 54 34.83 0.03 15.27
N ARG B 55 36.12 -0.25 15.34
N ARG B 55 36.14 -0.24 15.34
CA ARG B 55 36.82 -0.31 16.63
CA ARG B 55 36.83 -0.28 16.63
C ARG B 55 36.77 1.09 17.32
C ARG B 55 36.77 1.09 17.32
N SER B 56 36.92 2.16 16.53
N SER B 56 36.92 2.16 16.53
CA SER B 56 36.90 3.54 17.07
CA SER B 56 36.89 3.52 17.09
C SER B 56 35.51 3.85 17.65
C SER B 56 35.51 3.85 17.65
N VAL B 57 34.45 3.44 16.94
CA VAL B 57 33.10 3.67 17.43
C VAL B 57 32.85 2.90 18.73
N ALA B 58 33.24 1.63 18.74
CA ALA B 58 33.06 0.82 19.95
C ALA B 58 33.77 1.41 21.16
N GLU B 59 35.00 1.91 20.96
CA GLU B 59 35.74 2.54 22.05
C GLU B 59 35.03 3.79 22.55
N SER B 60 34.48 4.58 21.61
N SER B 60 34.47 4.59 21.63
CA SER B 60 33.77 5.81 21.97
CA SER B 60 33.76 5.81 21.99
C SER B 60 32.48 5.55 22.78
C SER B 60 32.48 5.55 22.78
N ILE B 61 31.76 4.49 22.41
CA ILE B 61 30.54 4.09 23.13
C ILE B 61 30.90 3.52 24.50
N GLY B 62 32.00 2.79 24.57
CA GLY B 62 32.48 2.20 25.81
C GLY B 62 32.69 0.72 25.64
N LYS B 63 33.93 0.25 25.82
CA LYS B 63 34.26 -1.16 25.57
C LYS B 63 33.51 -2.16 26.48
N GLU B 64 33.05 -1.68 27.65
CA GLU B 64 32.28 -2.52 28.55
C GLU B 64 30.87 -2.81 28.02
N ARG B 65 30.38 -2.00 27.09
N ARG B 65 30.38 -2.00 27.09
CA ARG B 65 29.05 -2.17 26.51
CA ARG B 65 29.05 -2.16 26.50
C ARG B 65 29.01 -2.32 24.99
C ARG B 65 29.01 -2.32 24.99
N CYS B 66 30.16 -2.28 24.32
CA CYS B 66 30.16 -2.29 22.85
C CYS B 66 31.41 -2.98 22.34
N SER B 67 31.25 -3.88 21.37
CA SER B 67 32.38 -4.55 20.74
C SER B 67 32.21 -4.47 19.25
N PHE B 68 33.35 -4.47 18.54
CA PHE B 68 33.36 -4.57 17.11
C PHE B 68 33.73 -6.00 16.67
N VAL B 69 33.00 -6.49 15.67
CA VAL B 69 33.32 -7.74 15.00
C VAL B 69 33.36 -7.52 13.49
N GLN B 70 34.47 -7.89 12.87
CA GLN B 70 34.60 -7.83 11.42
C GLN B 70 33.60 -8.78 10.78
N CYS B 71 32.78 -8.27 9.89
CA CYS B 71 31.71 -9.09 9.30
C CYS B 71 31.17 -8.47 8.02
N ASP B 72 31.26 -9.21 6.93
CA ASP B 72 30.60 -8.88 5.66
C ASP B 72 29.23 -9.51 5.70
N VAL B 73 28.18 -8.68 5.76
CA VAL B 73 26.81 -9.19 5.95
C VAL B 73 26.32 -10.15 4.85
N ALA B 74 26.92 -10.07 3.65
CA ALA B 74 26.53 -10.95 2.56
C ALA B 74 27.20 -12.32 2.62
N ASP B 75 28.15 -12.50 3.55
CA ASP B 75 28.89 -13.76 3.70
C ASP B 75 28.28 -14.52 4.87
N GLU B 76 27.56 -15.58 4.57
CA GLU B 76 26.79 -16.27 5.59
C GLU B 76 27.67 -16.85 6.72
N GLU B 77 28.83 -17.37 6.38
CA GLU B 77 29.73 -17.93 7.41
C GLU B 77 30.22 -16.84 8.35
N GLN B 78 30.52 -15.66 7.83
CA GLN B 78 30.96 -14.54 8.68
C GLN B 78 29.84 -14.06 9.58
N VAL B 79 28.62 -13.99 9.08
CA VAL B 79 27.49 -13.58 9.90
C VAL B 79 27.20 -14.61 10.98
N LYS B 80 27.19 -15.89 10.63
CA LYS B 80 26.97 -16.95 11.61
C LYS B 80 28.02 -16.87 12.74
N SER B 81 29.28 -16.71 12.35
N SER B 81 29.28 -16.71 12.35
CA SER B 81 30.38 -16.60 13.31
CA SER B 81 30.38 -16.60 13.31
C SER B 81 30.24 -15.41 14.23
C SER B 81 30.24 -15.40 14.23
N MET B 82 29.84 -14.28 13.66
CA MET B 82 29.63 -13.06 14.44
C MET B 82 28.48 -13.20 15.44
N ILE B 83 27.41 -13.85 15.04
CA ILE B 83 26.27 -14.11 15.94
C ILE B 83 26.68 -15.09 17.05
N GLU B 84 27.41 -16.14 16.70
N GLU B 84 27.41 -16.15 16.69
CA GLU B 84 27.90 -17.08 17.70
CA GLU B 84 27.92 -17.08 17.69
C GLU B 84 28.80 -16.38 18.70
C GLU B 84 28.80 -16.38 18.70
N TRP B 85 29.69 -15.52 18.22
CA TRP B 85 30.58 -14.76 19.11
C TRP B 85 29.78 -13.85 20.05
N THR B 86 28.76 -13.19 19.50
CA THR B 86 27.90 -12.30 20.27
C THR B 86 27.22 -13.06 21.41
N ALA B 87 26.58 -14.18 21.06
CA ALA B 87 25.87 -14.96 22.05
C ALA B 87 26.79 -15.59 23.09
N THR B 88 27.98 -16.01 22.70
CA THR B 88 28.96 -16.56 23.64
C THR B 88 29.49 -15.48 24.59
N THR B 89 29.82 -14.31 24.02
CA THR B 89 30.40 -13.22 24.76
C THR B 89 29.42 -12.59 25.73
N TYR B 90 28.20 -12.35 25.28
CA TYR B 90 27.23 -11.53 26.02
C TYR B 90 26.00 -12.29 26.48
N GLY B 91 25.86 -13.54 26.14
CA GLY B 91 24.83 -14.40 26.75
C GLY B 91 23.49 -14.38 26.07
N GLY B 92 23.35 -13.75 24.92
CA GLY B 92 22.08 -13.80 24.20
C GLY B 92 22.10 -13.04 22.92
N LEU B 93 20.92 -12.89 22.34
CA LEU B 93 20.71 -12.01 21.20
C LEU B 93 19.25 -11.63 21.17
N ASP B 94 18.95 -10.40 21.57
CA ASP B 94 17.57 -9.95 21.71
C ASP B 94 17.10 -9.07 20.55
N VAL B 95 18.01 -8.30 19.98
CA VAL B 95 17.70 -7.37 18.88
C VAL B 95 18.76 -7.54 17.79
N MET B 96 18.32 -7.77 16.56
CA MET B 96 19.20 -7.67 15.38
C MET B 96 18.74 -6.49 14.57
N PHE B 97 19.62 -5.52 14.37
CA PHE B 97 19.37 -4.41 13.46
C PHE B 97 20.22 -4.63 12.23
N SER B 98 19.61 -5.18 11.19
CA SER B 98 20.25 -5.43 9.89
C SER B 98 20.17 -4.11 9.14
N ASN B 99 21.23 -3.33 9.27
CA ASN B 99 21.27 -1.92 8.86
C ASN B 99 22.27 -1.65 7.74
N ALA B 100 23.28 -2.50 7.56
CA ALA B 100 24.26 -2.28 6.50
C ALA B 100 23.59 -2.07 5.16
N GLY B 101 24.14 -1.13 4.39
CA GLY B 101 23.67 -0.89 3.03
C GLY B 101 24.65 -0.06 2.27
N VAL B 102 24.51 -0.10 0.95
CA VAL B 102 25.35 0.66 0.05
C VAL B 102 24.50 1.31 -1.03
N LEU B 103 25.04 2.39 -1.59
CA LEU B 103 24.40 3.18 -2.65
C LEU B 103 25.49 3.56 -3.60
N ASN B 104 25.30 3.31 -4.90
CA ASN B 104 26.32 3.66 -5.87
C ASN B 104 26.36 5.17 -6.13
N SER B 105 27.52 5.68 -6.53
N SER B 105 27.53 5.67 -6.53
CA SER B 105 27.62 7.09 -6.95
CA SER B 105 27.62 7.09 -6.95
C SER B 105 27.06 7.31 -8.37
C SER B 105 27.06 7.31 -8.37
N ALA B 106 27.08 6.27 -9.20
CA ALA B 106 26.49 6.33 -10.54
C ALA B 106 24.97 6.57 -10.43
N ALA B 107 24.41 7.22 -11.45
CA ALA B 107 22.99 7.59 -11.41
C ALA B 107 22.05 6.39 -11.32
N GLN B 108 22.42 5.30 -11.99
CA GLN B 108 21.61 4.08 -12.01
C GLN B 108 20.15 4.31 -12.44
N THR B 109 19.99 5.08 -13.50
CA THR B 109 18.73 5.07 -14.24
C THR B 109 18.54 3.70 -14.85
N VAL B 110 17.29 3.31 -15.11
N VAL B 110 17.28 3.32 -15.11
CA VAL B 110 17.07 1.99 -15.72
CA VAL B 110 17.05 2.00 -15.72
C VAL B 110 17.60 1.94 -17.15
C VAL B 110 17.60 1.94 -17.15
N LYS B 111 17.45 3.01 -17.93
CA LYS B 111 17.91 3.03 -19.32
C LYS B 111 19.43 2.86 -19.42
N ASP B 112 20.16 3.38 -18.44
CA ASP B 112 21.62 3.28 -18.44
C ASP B 112 22.12 2.53 -17.24
N LEU B 113 21.37 1.52 -16.81
CA LEU B 113 21.72 0.79 -15.60
C LEU B 113 23.04 0.05 -15.78
N ASP B 114 23.96 0.22 -14.84
CA ASP B 114 25.20 -0.54 -14.84
C ASP B 114 24.93 -1.84 -14.09
N LEU B 115 24.96 -2.96 -14.79
CA LEU B 115 24.56 -4.22 -14.18
C LEU B 115 25.55 -4.71 -13.10
N PRO B 116 26.87 -4.57 -13.33
CA PRO B 116 27.76 -4.96 -12.24
C PRO B 116 27.54 -4.13 -10.97
N LEU B 117 27.22 -2.85 -11.11
CA LEU B 117 26.92 -2.01 -9.94
C LEU B 117 25.57 -2.39 -9.29
N PHE B 118 24.59 -2.75 -10.12
CA PHE B 118 23.34 -3.36 -9.62
C PHE B 118 23.66 -4.58 -8.77
N ASP B 119 24.56 -5.42 -9.25
CA ASP B 119 24.91 -6.63 -8.50
C ASP B 119 25.49 -6.29 -7.13
N LYS B 120 26.33 -5.25 -7.07
CA LYS B 120 26.94 -4.84 -5.79
C LYS B 120 25.87 -4.42 -4.78
N VAL B 121 24.95 -3.56 -5.21
CA VAL B 121 23.89 -3.06 -4.34
C VAL B 121 22.98 -4.21 -3.91
N MET B 122 22.59 -5.08 -4.84
CA MET B 122 21.72 -6.18 -4.48
C MET B 122 22.38 -7.14 -3.52
N ARG B 123 23.70 -7.34 -3.65
N ARG B 123 23.69 -7.35 -3.65
CA ARG B 123 24.41 -8.23 -2.73
CA ARG B 123 24.41 -8.23 -2.72
C ARG B 123 24.34 -7.73 -1.28
C ARG B 123 24.35 -7.73 -1.28
N VAL B 124 24.76 -6.49 -1.04
CA VAL B 124 24.74 -5.99 0.34
C VAL B 124 23.31 -5.83 0.86
N ASN B 125 22.47 -5.21 0.03
CA ASN B 125 21.19 -4.72 0.53
C ASN B 125 20.11 -5.82 0.58
N THR B 126 20.21 -6.83 -0.29
CA THR B 126 19.23 -7.94 -0.28
C THR B 126 19.81 -9.23 0.25
N ARG B 127 20.99 -9.63 -0.24
CA ARG B 127 21.62 -10.87 0.25
C ARG B 127 22.01 -10.69 1.72
N GLY B 128 22.59 -9.53 2.03
CA GLY B 128 22.97 -9.26 3.41
C GLY B 128 21.78 -9.26 4.35
N ALA B 129 20.66 -8.68 3.92
CA ALA B 129 19.44 -8.70 4.72
C ALA B 129 18.98 -10.12 4.95
N ALA B 130 18.90 -10.91 3.89
CA ALA B 130 18.44 -12.29 4.01
C ALA B 130 19.31 -13.11 4.96
N VAL B 131 20.62 -12.98 4.80
CA VAL B 131 21.57 -13.68 5.67
C VAL B 131 21.40 -13.28 7.14
N CYS B 132 21.32 -11.99 7.40
CA CYS B 132 21.23 -11.49 8.77
C CYS B 132 19.90 -11.88 9.44
N VAL B 133 18.80 -11.81 8.67
CA VAL B 133 17.50 -12.21 9.23
C VAL B 133 17.52 -13.71 9.49
N LYS B 134 18.01 -14.50 8.53
CA LYS B 134 18.10 -15.96 8.73
C LYS B 134 18.88 -16.30 9.98
N GLN B 135 20.10 -15.78 10.04
CA GLN B 135 21.01 -16.21 11.12
C GLN B 135 20.58 -15.68 12.50
N ALA B 136 20.01 -14.47 12.55
CA ALA B 136 19.45 -13.98 13.81
C ALA B 136 18.26 -14.83 14.22
N ALA B 137 17.39 -15.15 13.27
CA ALA B 137 16.24 -15.99 13.56
C ALA B 137 16.64 -17.35 14.12
N ARG B 138 17.66 -17.97 13.53
CA ARG B 138 18.11 -19.27 14.01
C ARG B 138 18.55 -19.20 15.49
N LYS B 139 19.36 -18.19 15.81
CA LYS B 139 19.83 -18.04 17.17
C LYS B 139 18.67 -17.70 18.14
N MET B 140 17.77 -16.82 17.72
CA MET B 140 16.61 -16.49 18.56
C MET B 140 15.70 -17.69 18.79
N VAL B 141 15.47 -18.52 17.77
CA VAL B 141 14.68 -19.73 17.96
C VAL B 141 15.36 -20.67 18.93
N GLU B 142 16.68 -20.83 18.80
CA GLU B 142 17.44 -21.68 19.69
C GLU B 142 17.31 -21.23 21.15
N LEU B 143 17.36 -19.92 21.41
CA LEU B 143 17.38 -19.42 22.78
C LEU B 143 16.02 -19.39 23.45
N GLY B 144 14.94 -19.34 22.67
CA GLY B 144 13.60 -19.46 23.23
C GLY B 144 13.11 -18.27 24.04
N ARG B 145 13.59 -17.09 23.71
CA ARG B 145 13.25 -15.86 24.44
C ARG B 145 12.52 -14.84 23.56
N GLY B 146 12.05 -15.26 22.39
CA GLY B 146 11.49 -14.30 21.43
C GLY B 146 12.61 -13.48 20.84
N GLY B 147 12.29 -12.27 20.39
CA GLY B 147 13.30 -11.38 19.84
C GLY B 147 12.70 -10.39 18.87
N SER B 148 13.52 -9.42 18.49
CA SER B 148 13.11 -8.38 17.56
C SER B 148 14.18 -8.19 16.50
N ILE B 149 13.76 -8.39 15.25
CA ILE B 149 14.65 -8.24 14.09
C ILE B 149 14.14 -7.03 13.31
N ILE B 150 15.05 -6.12 13.00
CA ILE B 150 14.72 -4.87 12.32
C ILE B 150 15.63 -4.74 11.10
N CYS B 151 15.05 -4.45 9.93
CA CYS B 151 15.86 -4.13 8.76
C CYS B 151 15.78 -2.65 8.46
N ASN B 152 16.87 -2.06 7.98
CA ASN B 152 16.86 -0.68 7.57
C ASN B 152 16.55 -0.63 6.08
N ALA B 153 15.33 -0.21 5.76
CA ALA B 153 14.83 -0.16 4.38
C ALA B 153 15.08 1.24 3.81
N GLY B 154 14.05 2.10 3.78
CA GLY B 154 14.17 3.45 3.26
C GLY B 154 12.88 3.88 2.59
N SER B 155 12.73 5.18 2.40
CA SER B 155 11.53 5.70 1.74
C SER B 155 11.37 5.10 0.34
N SER B 156 12.45 4.73 -0.32
CA SER B 156 12.39 4.10 -1.64
C SER B 156 11.93 2.64 -1.59
N ALA B 157 11.66 2.09 -0.41
CA ALA B 157 11.12 0.75 -0.30
C ALA B 157 9.67 0.61 -0.74
N VAL B 158 8.95 1.74 -0.79
CA VAL B 158 7.51 1.74 -1.06
C VAL B 158 7.09 2.66 -2.18
N ARG B 159 8.07 3.15 -2.93
CA ARG B 159 7.77 4.07 -4.03
C ARG B 159 8.90 3.97 -5.04
N GLY B 160 8.64 4.39 -6.26
CA GLY B 160 9.67 4.43 -7.28
C GLY B 160 10.56 5.66 -7.14
N ALA B 161 11.70 5.64 -7.82
CA ALA B 161 12.58 6.81 -7.87
C ALA B 161 12.99 7.11 -9.30
N HIS B 162 13.56 8.29 -9.48
CA HIS B 162 14.01 8.78 -10.77
C HIS B 162 15.43 8.34 -11.14
N GLY B 163 16.07 7.63 -10.24
CA GLY B 163 17.35 6.99 -10.49
C GLY B 163 17.53 5.98 -9.40
N VAL B 164 18.78 5.64 -9.09
CA VAL B 164 19.11 4.69 -8.02
C VAL B 164 18.23 3.44 -8.10
N THR B 165 18.02 2.95 -9.32
CA THR B 165 16.99 1.94 -9.57
C THR B 165 17.31 0.64 -8.85
N ASP B 166 18.59 0.26 -8.87
CA ASP B 166 19.04 -0.91 -8.14
C ASP B 166 18.74 -0.80 -6.64
N TYR B 167 19.01 0.36 -6.08
CA TYR B 167 18.75 0.62 -4.68
C TYR B 167 17.24 0.50 -4.35
N VAL B 168 16.40 1.09 -5.19
CA VAL B 168 14.94 0.97 -5.02
C VAL B 168 14.52 -0.49 -5.03
N MET B 169 14.98 -1.24 -6.01
CA MET B 169 14.67 -2.68 -6.07
C MET B 169 15.10 -3.38 -4.78
N SER B 170 16.31 -3.06 -4.31
CA SER B 170 16.83 -3.72 -3.12
C SER B 170 15.97 -3.42 -1.90
N LYS B 171 15.48 -2.20 -1.77
CA LYS B 171 14.69 -1.82 -0.59
C LYS B 171 13.28 -2.38 -0.65
N HIS B 172 12.69 -2.46 -1.86
CA HIS B 172 11.45 -3.21 -2.01
C HIS B 172 11.62 -4.70 -1.60
N ALA B 173 12.72 -5.30 -1.99
CA ALA B 173 12.98 -6.71 -1.61
C ALA B 173 13.05 -6.86 -0.08
N VAL B 174 13.65 -5.86 0.60
CA VAL B 174 13.69 -5.89 2.06
C VAL B 174 12.29 -5.94 2.68
N ILE B 175 11.36 -5.16 2.12
CA ILE B 175 9.99 -5.19 2.62
C ILE B 175 9.43 -6.59 2.46
N GLY B 176 9.64 -7.23 1.32
CA GLY B 176 9.14 -8.60 1.13
C GLY B 176 9.71 -9.58 2.15
N LEU B 177 10.99 -9.42 2.44
CA LEU B 177 11.66 -10.23 3.47
C LEU B 177 11.03 -10.02 4.83
N VAL B 178 10.84 -8.75 5.20
CA VAL B 178 10.28 -8.42 6.52
C VAL B 178 8.87 -8.99 6.65
N ARG B 179 8.05 -8.79 5.63
CA ARG B 179 6.68 -9.32 5.70
C ARG B 179 6.68 -10.85 5.85
N SER B 180 7.47 -11.53 5.04
CA SER B 180 7.55 -12.98 5.07
C SER B 180 8.11 -13.49 6.38
N ALA B 181 9.21 -12.91 6.81
CA ALA B 181 9.84 -13.33 8.06
C ALA B 181 8.89 -13.13 9.24
N SER B 182 8.14 -12.04 9.25
N SER B 182 8.14 -12.04 9.25
CA SER B 182 7.20 -11.78 10.34
CA SER B 182 7.20 -11.78 10.34
C SER B 182 6.15 -12.90 10.42
C SER B 182 6.15 -12.90 10.42
N MET B 183 5.67 -13.33 9.26
N MET B 183 5.67 -13.33 9.26
CA MET B 183 4.67 -14.39 9.20
CA MET B 183 4.67 -14.39 9.19
C MET B 183 5.24 -15.73 9.66
C MET B 183 5.24 -15.73 9.65
N GLN B 184 6.49 -15.99 9.29
CA GLN B 184 7.10 -17.30 9.56
C GLN B 184 7.65 -17.44 10.97
N LEU B 185 8.07 -16.34 11.58
CA LEU B 185 8.73 -16.38 12.88
C LEU B 185 7.85 -15.96 14.04
N GLY B 186 6.65 -15.47 13.75
CA GLY B 186 5.72 -15.10 14.82
C GLY B 186 5.36 -16.23 15.76
N ALA B 187 5.38 -17.47 15.27
CA ALA B 187 5.10 -18.64 16.10
C ALA B 187 6.07 -18.77 17.27
N HIS B 188 7.29 -18.24 17.10
CA HIS B 188 8.32 -18.25 18.14
C HIS B 188 8.43 -16.93 18.88
N SER B 189 7.41 -16.09 18.79
CA SER B 189 7.39 -14.77 19.44
C SER B 189 8.52 -13.86 18.96
N ILE B 190 8.95 -14.05 17.71
CA ILE B 190 9.97 -13.20 17.12
C ILE B 190 9.25 -12.20 16.20
N ARG B 191 9.52 -10.93 16.42
CA ARG B 191 8.96 -9.85 15.60
C ARG B 191 9.97 -9.44 14.53
N VAL B 192 9.46 -9.07 13.37
CA VAL B 192 10.30 -8.60 12.29
C VAL B 192 9.65 -7.35 11.69
N ASN B 193 10.43 -6.27 11.63
CA ASN B 193 9.95 -4.98 11.16
C ASN B 193 11.05 -4.28 10.39
N SER B 194 10.73 -3.17 9.76
CA SER B 194 11.74 -2.29 9.17
C SER B 194 11.58 -0.87 9.65
N VAL B 195 12.67 -0.12 9.55
CA VAL B 195 12.66 1.34 9.67
C VAL B 195 13.07 1.91 8.34
N SER B 196 12.48 3.03 7.94
CA SER B 196 12.73 3.63 6.62
C SER B 196 13.10 5.09 6.72
N PRO B 197 14.40 5.38 6.70
CA PRO B 197 14.86 6.78 6.69
C PRO B 197 14.84 7.38 5.31
N MET B 198 15.22 8.66 5.24
CA MET B 198 15.24 9.40 4.00
C MET B 198 16.28 10.51 3.91
N ALA B 199 16.49 11.23 4.99
CA ALA B 199 17.13 12.55 4.94
C ALA B 199 18.23 12.72 5.96
N VAL B 200 18.96 11.63 6.25
CA VAL B 200 20.09 11.68 7.16
C VAL B 200 21.38 11.79 6.35
N ALA B 201 22.13 12.86 6.50
CA ALA B 201 23.37 13.01 5.74
C ALA B 201 24.42 12.09 6.33
N THR B 202 24.97 11.20 5.50
CA THR B 202 25.92 10.20 5.91
C THR B 202 26.92 9.95 4.78
N PRO B 203 27.97 9.16 5.02
CA PRO B 203 28.84 8.78 3.90
C PRO B 203 28.11 8.08 2.75
N LEU B 204 27.06 7.35 3.05
CA LEU B 204 26.23 6.71 2.01
C LEU B 204 25.53 7.75 1.15
N THR B 205 24.89 8.74 1.78
CA THR B 205 24.16 9.76 1.02
C THR B 205 25.09 10.69 0.25
N ARG B 206 26.35 10.82 0.71
N ARG B 206 26.35 10.82 0.71
CA ARG B 206 27.36 11.55 -0.04
CA ARG B 206 27.36 11.55 -0.05
C ARG B 206 27.55 10.99 -1.48
C ARG B 206 27.55 10.99 -1.48
N ASN B 207 27.29 9.71 -1.67
CA ASN B 207 27.36 9.10 -3.02
C ASN B 207 26.37 9.70 -4.01
N GLN B 208 25.27 10.27 -3.49
CA GLN B 208 24.31 10.99 -4.33
C GLN B 208 24.28 12.50 -3.98
N GLY B 209 25.41 13.05 -3.54
CA GLY B 209 25.56 14.49 -3.34
C GLY B 209 24.99 15.14 -2.10
N ILE B 210 24.62 14.34 -1.11
CA ILE B 210 24.03 14.85 0.14
C ILE B 210 25.08 14.68 1.25
N SER B 211 25.79 15.79 1.51
N SER B 211 25.78 15.79 1.52
CA SER B 211 26.83 15.82 2.54
CA SER B 211 26.83 15.81 2.54
C SER B 211 26.47 16.60 3.79
C SER B 211 26.47 16.60 3.80
N THR B 212 25.84 17.75 3.64
CA THR B 212 25.69 18.74 4.73
C THR B 212 24.22 19.00 5.06
N PRO B 213 23.94 19.61 6.22
CA PRO B 213 22.56 20.03 6.49
C PRO B 213 21.97 20.95 5.41
N ASP B 214 22.82 21.80 4.78
CA ASP B 214 22.33 22.65 3.70
C ASP B 214 21.93 21.84 2.46
N ASP B 215 22.71 20.80 2.13
CA ASP B 215 22.34 19.89 1.03
C ASP B 215 20.99 19.26 1.29
N VAL B 216 20.78 18.82 2.54
CA VAL B 216 19.51 18.20 2.89
C VAL B 216 18.37 19.17 2.66
N GLN B 217 18.53 20.40 3.15
CA GLN B 217 17.49 21.41 2.98
C GLN B 217 17.17 21.74 1.52
N LYS B 218 18.21 21.87 0.71
N LYS B 218 18.21 21.88 0.71
CA LYS B 218 18.02 22.29 -0.68
CA LYS B 218 18.01 22.29 -0.68
C LYS B 218 17.51 21.20 -1.58
C LYS B 218 17.51 21.19 -1.59
N PHE B 219 18.01 19.97 -1.40
CA PHE B 219 17.74 18.89 -2.37
C PHE B 219 16.69 17.90 -1.91
N LEU B 220 16.60 17.64 -0.60
CA LEU B 220 15.66 16.63 -0.12
C LEU B 220 14.39 17.21 0.49
N MET B 221 14.54 18.26 1.30
CA MET B 221 13.40 18.79 2.03
C MET B 221 12.24 19.31 1.21
N PRO B 222 12.45 19.75 -0.06
CA PRO B 222 11.27 20.12 -0.85
C PRO B 222 10.27 18.98 -1.03
N PHE B 223 10.74 17.74 -0.88
CA PHE B 223 9.94 16.55 -1.08
C PHE B 223 9.38 15.98 0.22
N ILE B 224 9.55 16.72 1.32
CA ILE B 224 9.23 16.24 2.67
C ILE B 224 8.24 17.20 3.33
N SER B 225 7.16 16.66 3.90
CA SER B 225 6.09 17.50 4.44
C SER B 225 6.46 18.22 5.73
N LEU B 226 7.16 17.53 6.63
CA LEU B 226 7.42 18.06 7.94
C LEU B 226 8.54 19.06 7.93
N LYS B 227 8.23 20.31 8.27
CA LYS B 227 9.18 21.42 8.32
C LYS B 227 9.50 21.78 9.77
N GLY B 228 10.61 22.50 9.97
CA GLY B 228 11.00 22.95 11.31
C GLY B 228 11.58 21.91 12.22
N VAL B 229 11.87 20.72 11.71
CA VAL B 229 12.40 19.61 12.49
C VAL B 229 13.57 19.02 11.70
N PRO B 230 14.79 19.53 11.94
CA PRO B 230 15.91 19.06 11.13
C PRO B 230 16.11 17.54 11.24
N PRO B 231 16.31 16.85 10.12
CA PRO B 231 16.46 15.40 10.21
C PRO B 231 17.80 14.97 10.75
N THR B 232 17.82 13.92 11.57
CA THR B 232 19.02 13.42 12.21
C THR B 232 19.05 11.90 12.21
N ALA B 233 20.26 11.34 12.38
CA ALA B 233 20.42 9.92 12.54
C ALA B 233 19.74 9.42 13.82
N GLU B 234 19.77 10.26 14.86
N GLU B 234 19.77 10.26 14.86
CA GLU B 234 19.21 9.88 16.15
CA GLU B 234 19.20 9.88 16.15
C GLU B 234 17.70 9.63 16.07
C GLU B 234 17.70 9.63 16.07
N GLN B 235 16.99 10.34 15.19
CA GLN B 235 15.55 10.07 14.97
C GLN B 235 15.30 8.65 14.51
N VAL B 236 16.14 8.18 13.60
CA VAL B 236 16.01 6.81 13.09
C VAL B 236 16.32 5.82 14.23
N ALA B 237 17.38 6.11 14.98
CA ALA B 237 17.76 5.28 16.13
C ALA B 237 16.59 5.17 17.12
N GLU B 238 15.86 6.27 17.36
CA GLU B 238 14.70 6.21 18.28
C GLU B 238 13.65 5.23 17.80
N ALA B 239 13.39 5.21 16.48
CA ALA B 239 12.41 4.28 15.93
C ALA B 239 12.90 2.83 16.08
N ALA B 240 14.18 2.61 15.83
CA ALA B 240 14.76 1.28 16.02
C ALA B 240 14.67 0.83 17.49
N ALA B 241 14.91 1.75 18.41
CA ALA B 241 14.85 1.40 19.83
C ALA B 241 13.42 1.07 20.25
N PHE B 242 12.43 1.83 19.76
CA PHE B 242 11.04 1.50 19.98
C PHE B 242 10.75 0.08 19.50
N LEU B 243 11.07 -0.19 18.23
CA LEU B 243 10.80 -1.52 17.66
C LEU B 243 11.56 -2.66 18.32
N GLY B 244 12.76 -2.37 18.80
CA GLY B 244 13.59 -3.37 19.47
C GLY B 244 13.13 -3.71 20.87
N SER B 245 12.30 -2.86 21.45
CA SER B 245 11.88 -2.95 22.84
C SER B 245 10.49 -3.53 23.03
N ASP B 246 10.14 -3.78 24.30
CA ASP B 246 8.78 -4.22 24.61
C ASP B 246 7.71 -3.14 24.44
N GLU B 247 8.12 -1.90 24.15
CA GLU B 247 7.15 -0.87 23.78
C GLU B 247 6.41 -1.26 22.51
N ALA B 248 7.05 -2.06 21.68
CA ALA B 248 6.50 -2.57 20.43
C ALA B 248 6.23 -4.07 20.47
N ALA B 249 5.84 -4.58 21.65
CA ALA B 249 5.67 -6.00 21.88
C ALA B 249 4.72 -6.72 20.95
N PHE B 250 3.75 -6.02 20.40
CA PHE B 250 2.74 -6.63 19.51
C PHE B 250 2.79 -6.00 18.13
N VAL B 251 3.95 -5.45 17.74
CA VAL B 251 4.15 -4.83 16.42
C VAL B 251 5.05 -5.72 15.59
N THR B 252 4.55 -6.21 14.46
CA THR B 252 5.38 -7.06 13.59
C THR B 252 4.86 -6.93 12.16
N GLY B 253 5.78 -7.19 11.23
CA GLY B 253 5.46 -7.14 9.81
C GLY B 253 5.38 -5.75 9.22
N HIS B 254 5.89 -4.75 9.94
CA HIS B 254 5.60 -3.37 9.67
C HIS B 254 6.83 -2.60 9.23
N ASP B 255 6.63 -1.62 8.35
CA ASP B 255 7.66 -0.65 7.99
C ASP B 255 7.32 0.67 8.66
N LEU B 256 8.25 1.18 9.45
CA LEU B 256 8.10 2.41 10.21
C LEU B 256 8.97 3.50 9.59
N PRO B 257 8.38 4.41 8.80
CA PRO B 257 9.17 5.43 8.12
C PRO B 257 9.52 6.57 9.06
N VAL B 258 10.78 7.01 8.99
CA VAL B 258 11.27 8.14 9.73
C VAL B 258 11.77 9.10 8.66
N ASP B 259 10.82 9.76 8.03
CA ASP B 259 11.10 10.47 6.79
C ASP B 259 10.38 11.79 6.61
N GLY B 260 9.70 12.27 7.64
CA GLY B 260 9.00 13.54 7.57
C GLY B 260 7.80 13.60 6.65
N GLY B 261 7.38 12.46 6.13
CA GLY B 261 6.27 12.40 5.18
C GLY B 261 6.79 12.72 3.80
N VAL B 262 7.15 11.68 3.06
CA VAL B 262 7.73 11.88 1.74
C VAL B 262 6.63 12.00 0.69
N LEU B 263 6.62 13.13 -0.01
CA LEU B 263 5.62 13.36 -1.06
C LEU B 263 5.90 12.44 -2.24
N CYS B 264 7.15 12.45 -2.69
CA CYS B 264 7.65 11.56 -3.76
C CYS B 264 9.16 11.65 -3.67
N MET B 265 9.87 10.74 -4.31
CA MET B 265 11.34 10.80 -4.30
C MET B 265 11.85 12.00 -5.10
N PRO B 266 12.95 12.62 -4.67
CA PRO B 266 13.49 13.76 -5.45
C PRO B 266 13.83 13.47 -6.91
N PHE B 267 13.66 14.48 -7.78
CA PHE B 267 14.09 14.36 -9.19
C PHE B 267 15.61 14.27 -9.35
N MET C 9 -13.99 -13.01 -35.45
CA MET C 9 -12.71 -12.32 -35.12
C MET C 9 -12.83 -11.57 -33.80
N MET C 10 -11.74 -11.53 -33.04
CA MET C 10 -11.66 -10.70 -31.84
C MET C 10 -11.36 -9.27 -32.30
N LYS C 11 -11.51 -8.31 -31.40
CA LYS C 11 -10.93 -6.97 -31.59
C LYS C 11 -9.40 -7.07 -31.72
N LYS C 12 -8.85 -6.53 -32.81
N LYS C 12 -8.86 -6.53 -32.80
CA LYS C 12 -7.42 -6.48 -33.01
CA LYS C 12 -7.43 -6.48 -33.01
C LYS C 12 -6.85 -5.33 -32.18
C LYS C 12 -6.84 -5.34 -32.18
N LYS C 13 -6.94 -5.45 -30.85
CA LYS C 13 -6.40 -4.45 -29.97
C LYS C 13 -4.86 -4.28 -30.01
N LEU C 14 -4.13 -5.25 -30.58
CA LEU C 14 -2.68 -5.20 -30.72
C LEU C 14 -2.24 -5.17 -32.17
N GLU C 15 -3.15 -4.72 -33.04
CA GLU C 15 -2.86 -4.65 -34.46
C GLU C 15 -1.52 -3.97 -34.72
N GLY C 16 -0.67 -4.69 -35.47
CA GLY C 16 0.61 -4.15 -35.92
C GLY C 16 1.72 -4.09 -34.93
N LYS C 17 1.48 -4.49 -33.68
CA LYS C 17 2.51 -4.37 -32.66
C LYS C 17 3.53 -5.50 -32.71
N VAL C 18 4.78 -5.16 -32.42
CA VAL C 18 5.88 -6.12 -32.35
C VAL C 18 6.17 -6.31 -30.86
N ALA C 19 6.10 -7.55 -30.40
CA ALA C 19 6.21 -7.89 -28.98
C ALA C 19 7.33 -8.90 -28.77
N ILE C 20 7.98 -8.80 -27.62
CA ILE C 20 8.83 -9.86 -27.11
C ILE C 20 8.15 -10.42 -25.86
N VAL C 21 8.13 -11.74 -25.74
CA VAL C 21 7.71 -12.41 -24.52
C VAL C 21 8.87 -13.25 -24.03
N THR C 22 9.49 -12.81 -22.93
CA THR C 22 10.52 -13.66 -22.34
C THR C 22 9.84 -14.76 -21.54
N GLY C 23 10.45 -15.93 -21.48
CA GLY C 23 9.81 -17.08 -20.89
C GLY C 23 8.59 -17.56 -21.68
N GLY C 24 8.56 -17.25 -22.99
CA GLY C 24 7.40 -17.60 -23.81
C GLY C 24 7.30 -19.01 -24.29
N ALA C 25 8.22 -19.90 -23.91
CA ALA C 25 8.17 -21.29 -24.34
C ALA C 25 7.11 -22.14 -23.61
N SER C 26 6.55 -21.60 -22.53
CA SER C 26 5.74 -22.37 -21.61
C SER C 26 4.72 -21.47 -20.90
N GLY C 27 3.68 -22.10 -20.38
CA GLY C 27 2.84 -21.46 -19.34
C GLY C 27 2.22 -20.13 -19.76
N ILE C 28 2.32 -19.16 -18.88
CA ILE C 28 1.70 -17.85 -19.09
C ILE C 28 2.32 -17.13 -20.29
N GLY C 29 3.64 -17.23 -20.45
CA GLY C 29 4.32 -16.62 -21.57
C GLY C 29 3.84 -17.16 -22.91
N GLU C 30 3.73 -18.48 -23.00
CA GLU C 30 3.21 -19.10 -24.23
C GLU C 30 1.77 -18.62 -24.50
N ALA C 31 0.93 -18.64 -23.47
CA ALA C 31 -0.46 -18.22 -23.67
C ALA C 31 -0.54 -16.75 -24.13
N THR C 32 0.35 -15.94 -23.60
CA THR C 32 0.38 -14.54 -23.96
C THR C 32 0.87 -14.31 -25.39
N ALA C 33 1.94 -15.02 -25.80
CA ALA C 33 2.39 -14.95 -27.19
C ALA C 33 1.24 -15.33 -28.14
N ARG C 34 0.53 -16.40 -27.83
CA ARG C 34 -0.57 -16.84 -28.68
C ARG C 34 -1.67 -15.79 -28.77
N LEU C 35 -2.03 -15.23 -27.61
CA LEU C 35 -3.12 -14.25 -27.58
C LEU C 35 -2.73 -12.96 -28.30
N PHE C 36 -1.47 -12.55 -28.15
CA PHE C 36 -1.00 -11.33 -28.81
C PHE C 36 -1.17 -11.46 -30.33
N VAL C 37 -0.82 -12.62 -30.88
CA VAL C 37 -1.01 -12.86 -32.31
C VAL C 37 -2.49 -12.88 -32.68
N LYS C 38 -3.32 -13.52 -31.87
N LYS C 38 -3.32 -13.52 -31.87
CA LYS C 38 -4.77 -13.49 -32.10
CA LYS C 38 -4.77 -13.49 -32.10
C LYS C 38 -5.34 -12.08 -32.12
C LYS C 38 -5.34 -12.08 -32.12
N TYR C 39 -4.77 -11.20 -31.29
CA TYR C 39 -5.18 -9.79 -31.24
C TYR C 39 -4.45 -8.90 -32.25
N GLY C 40 -3.82 -9.50 -33.26
CA GLY C 40 -3.34 -8.73 -34.41
C GLY C 40 -1.89 -8.31 -34.38
N ALA C 41 -1.12 -8.77 -33.40
CA ALA C 41 0.31 -8.44 -33.39
C ALA C 41 0.97 -8.76 -34.71
N ARG C 42 1.84 -7.87 -35.16
CA ARG C 42 2.68 -8.13 -36.35
C ARG C 42 3.53 -9.36 -36.08
N ALA C 43 4.15 -9.38 -34.91
CA ALA C 43 5.05 -10.43 -34.54
C ALA C 43 5.26 -10.53 -33.06
N VAL C 44 5.51 -11.75 -32.61
CA VAL C 44 5.96 -12.00 -31.24
C VAL C 44 7.27 -12.77 -31.31
N VAL C 45 8.28 -12.28 -30.61
CA VAL C 45 9.52 -13.00 -30.44
C VAL C 45 9.49 -13.66 -29.06
N ILE C 46 9.65 -14.99 -29.07
CA ILE C 46 9.73 -15.77 -27.83
C ILE C 46 11.21 -15.87 -27.48
N ALA C 47 11.57 -15.35 -26.31
CA ALA C 47 12.95 -15.35 -25.82
C ALA C 47 12.99 -16.30 -24.62
N ASP C 48 13.72 -17.40 -24.73
CA ASP C 48 13.69 -18.42 -23.67
C ASP C 48 14.99 -19.21 -23.74
N ILE C 49 15.27 -19.92 -22.66
CA ILE C 49 16.41 -20.85 -22.62
C ILE C 49 16.03 -22.25 -23.09
N GLN C 50 14.74 -22.57 -23.16
CA GLN C 50 14.29 -23.88 -23.63
C GLN C 50 14.16 -23.85 -25.15
N SER C 51 15.22 -24.23 -25.86
N SER C 51 15.22 -24.24 -25.86
CA SER C 51 15.28 -24.01 -27.32
CA SER C 51 15.28 -24.03 -27.32
C SER C 51 14.34 -24.95 -28.10
C SER C 51 14.34 -24.95 -28.10
N GLU C 52 14.34 -26.24 -27.78
CA GLU C 52 13.47 -27.17 -28.50
C GLU C 52 11.99 -26.78 -28.28
N LEU C 53 11.64 -26.51 -27.04
CA LEU C 53 10.29 -26.15 -26.71
C LEU C 53 9.90 -24.80 -27.30
N GLY C 54 10.78 -23.81 -27.18
CA GLY C 54 10.53 -22.49 -27.75
C GLY C 54 10.32 -22.50 -29.24
N ARG C 55 11.16 -23.27 -29.96
N ARG C 55 11.17 -23.26 -29.95
CA ARG C 55 11.02 -23.41 -31.40
CA ARG C 55 11.04 -23.40 -31.39
C ARG C 55 9.69 -24.01 -31.76
C ARG C 55 9.69 -24.01 -31.75
N SER C 56 9.28 -25.03 -30.99
CA SER C 56 8.01 -25.70 -31.25
C SER C 56 6.83 -24.77 -31.03
N VAL C 57 6.88 -23.94 -30.00
CA VAL C 57 5.82 -22.97 -29.75
C VAL C 57 5.76 -21.93 -30.89
N ALA C 58 6.91 -21.40 -31.30
CA ALA C 58 6.93 -20.45 -32.40
C ALA C 58 6.34 -21.01 -33.69
N GLU C 59 6.70 -22.26 -34.00
CA GLU C 59 6.15 -22.92 -35.19
C GLU C 59 4.64 -23.11 -35.06
N SER C 60 4.17 -23.45 -33.86
N SER C 60 4.17 -23.44 -33.86
CA SER C 60 2.74 -23.63 -33.61
CA SER C 60 2.74 -23.63 -33.60
C SER C 60 1.92 -22.35 -33.76
C SER C 60 1.93 -22.34 -33.73
N ILE C 61 2.49 -21.22 -33.32
CA ILE C 61 1.85 -19.91 -33.50
C ILE C 61 1.87 -19.49 -34.95
N GLY C 62 2.97 -19.79 -35.63
CA GLY C 62 3.11 -19.51 -37.07
C GLY C 62 4.36 -18.72 -37.33
N LYS C 63 5.27 -19.26 -38.12
CA LYS C 63 6.59 -18.62 -38.32
C LYS C 63 6.55 -17.25 -39.00
N GLU C 64 5.48 -16.95 -39.71
N GLU C 64 5.48 -16.92 -39.71
CA GLU C 64 5.31 -15.63 -40.31
CA GLU C 64 5.36 -15.58 -40.30
C GLU C 64 5.04 -14.54 -39.26
C GLU C 64 5.06 -14.52 -39.25
N ARG C 65 4.56 -14.93 -38.08
N ARG C 65 4.60 -14.93 -38.07
CA ARG C 65 4.26 -14.00 -37.00
CA ARG C 65 4.29 -13.99 -36.99
C ARG C 65 4.96 -14.29 -35.67
C ARG C 65 4.96 -14.28 -35.65
N CYS C 66 5.83 -15.27 -35.62
CA CYS C 66 6.44 -15.68 -34.35
C CYS C 66 7.80 -16.27 -34.60
N SER C 67 8.81 -15.81 -33.85
CA SER C 67 10.17 -16.33 -33.97
C SER C 67 10.67 -16.67 -32.58
N PHE C 68 11.53 -17.69 -32.49
CA PHE C 68 12.18 -18.04 -31.24
C PHE C 68 13.63 -17.56 -31.29
N VAL C 69 14.06 -16.94 -30.18
CA VAL C 69 15.45 -16.57 -30.00
C VAL C 69 15.94 -17.13 -28.66
N GLN C 70 17.02 -17.90 -28.70
CA GLN C 70 17.67 -18.40 -27.51
C GLN C 70 18.19 -17.24 -26.69
N CYS C 71 17.78 -17.15 -25.43
CA CYS C 71 18.12 -15.96 -24.64
C CYS C 71 17.95 -16.24 -23.16
N ASP C 72 19.05 -16.10 -22.41
CA ASP C 72 19.03 -16.09 -20.94
C ASP C 72 18.79 -14.65 -20.51
N VAL C 73 17.65 -14.38 -19.91
CA VAL C 73 17.27 -13.00 -19.56
C VAL C 73 18.22 -12.28 -18.60
N ALA C 74 18.99 -13.04 -17.82
CA ALA C 74 19.95 -12.44 -16.89
C ALA C 74 21.29 -12.06 -17.56
N ASP C 75 21.47 -12.45 -18.83
CA ASP C 75 22.69 -12.17 -19.59
C ASP C 75 22.43 -10.96 -20.49
N GLU C 76 23.01 -9.83 -20.12
CA GLU C 76 22.72 -8.59 -20.81
C GLU C 76 23.06 -8.61 -22.30
N GLU C 77 24.18 -9.23 -22.66
CA GLU C 77 24.57 -9.29 -24.06
C GLU C 77 23.57 -10.12 -24.88
N GLN C 78 23.08 -11.23 -24.30
CA GLN C 78 22.08 -12.05 -25.00
C GLN C 78 20.77 -11.31 -25.18
N VAL C 79 20.34 -10.57 -24.16
CA VAL C 79 19.10 -9.81 -24.26
C VAL C 79 19.25 -8.67 -25.27
N LYS C 80 20.35 -7.94 -25.22
CA LYS C 80 20.59 -6.85 -26.17
C LYS C 80 20.56 -7.39 -27.61
N SER C 81 21.23 -8.51 -27.85
CA SER C 81 21.28 -9.12 -29.17
C SER C 81 19.89 -9.54 -29.66
N MET C 82 19.11 -10.12 -28.76
CA MET C 82 17.76 -10.55 -29.09
C MET C 82 16.84 -9.36 -29.44
N ILE C 83 16.96 -8.28 -28.68
CA ILE C 83 16.19 -7.06 -28.97
C ILE C 83 16.62 -6.41 -30.29
N GLU C 84 17.92 -6.36 -30.55
CA GLU C 84 18.41 -5.80 -31.81
C GLU C 84 17.89 -6.61 -32.98
N TRP C 85 17.93 -7.94 -32.83
CA TRP C 85 17.44 -8.81 -33.90
C TRP C 85 15.94 -8.60 -34.13
N THR C 86 15.19 -8.48 -33.05
CA THR C 86 13.75 -8.26 -33.13
C THR C 86 13.43 -6.97 -33.89
N ALA C 87 14.06 -5.89 -33.49
CA ALA C 87 13.80 -4.59 -34.07
C ALA C 87 14.23 -4.53 -35.53
N THR C 88 15.36 -5.17 -35.87
CA THR C 88 15.82 -5.20 -37.26
C THR C 88 14.91 -6.07 -38.14
N THR C 89 14.52 -7.23 -37.62
CA THR C 89 13.70 -8.18 -38.37
C THR C 89 12.28 -7.67 -38.61
N TYR C 90 11.67 -7.08 -37.58
CA TYR C 90 10.26 -6.73 -37.64
C TYR C 90 9.97 -5.23 -37.67
N GLY C 91 11.02 -4.39 -37.58
CA GLY C 91 10.87 -2.98 -37.82
C GLY C 91 10.47 -2.15 -36.61
N GLY C 92 10.50 -2.72 -35.43
CA GLY C 92 10.08 -2.03 -34.25
C GLY C 92 10.09 -2.90 -33.01
N LEU C 93 9.74 -2.30 -31.89
CA LEU C 93 9.52 -3.00 -30.65
C LEU C 93 8.52 -2.22 -29.83
N ASP C 94 7.30 -2.70 -29.76
CA ASP C 94 6.21 -1.97 -29.11
C ASP C 94 5.84 -2.46 -27.73
N VAL C 95 6.00 -3.76 -27.49
CA VAL C 95 5.67 -4.39 -26.20
C VAL C 95 6.78 -5.31 -25.77
N MET C 96 7.28 -5.14 -24.54
CA MET C 96 8.17 -6.12 -23.91
C MET C 96 7.42 -6.72 -22.75
N PHE C 97 7.21 -8.03 -22.77
CA PHE C 97 6.65 -8.76 -21.64
C PHE C 97 7.79 -9.56 -21.01
N SER C 98 8.35 -8.99 -19.94
CA SER C 98 9.42 -9.61 -19.17
C SER C 98 8.73 -10.56 -18.20
N ASN C 99 8.65 -11.82 -18.62
CA ASN C 99 7.81 -12.83 -17.97
C ASN C 99 8.60 -14.01 -17.41
N ALA C 100 9.81 -14.25 -17.89
CA ALA C 100 10.62 -15.36 -17.38
C ALA C 100 10.73 -15.30 -15.86
N GLY C 101 10.70 -16.47 -15.24
CA GLY C 101 10.92 -16.58 -13.81
C GLY C 101 11.27 -18.00 -13.43
N VAL C 102 11.76 -18.14 -12.21
CA VAL C 102 12.03 -19.45 -11.61
C VAL C 102 11.53 -19.47 -10.16
N LEU C 103 11.24 -20.67 -9.70
CA LEU C 103 10.79 -20.92 -8.31
C LEU C 103 11.46 -22.20 -7.87
N ASN C 104 12.12 -22.17 -6.71
CA ASN C 104 12.78 -23.36 -6.19
C ASN C 104 11.78 -24.37 -5.64
N SER C 105 12.15 -25.64 -5.66
CA SER C 105 11.34 -26.69 -5.02
C SER C 105 11.52 -26.72 -3.51
N ALA C 106 12.67 -26.24 -3.02
CA ALA C 106 12.92 -26.15 -1.59
C ALA C 106 11.95 -25.18 -0.95
N ALA C 107 11.64 -25.40 0.34
CA ALA C 107 10.65 -24.58 1.03
C ALA C 107 11.04 -23.11 1.09
N GLN C 108 12.35 -22.84 1.25
CA GLN C 108 12.86 -21.48 1.36
C GLN C 108 12.16 -20.64 2.43
N THR C 109 11.98 -21.24 3.61
CA THR C 109 11.67 -20.45 4.80
C THR C 109 12.89 -19.58 5.11
N VAL C 110 12.69 -18.46 5.80
N VAL C 110 12.69 -18.45 5.80
CA VAL C 110 13.84 -17.62 6.11
CA VAL C 110 13.84 -17.61 6.12
C VAL C 110 14.77 -18.30 7.12
C VAL C 110 14.78 -18.30 7.12
N LYS C 111 14.24 -19.03 8.11
CA LYS C 111 15.08 -19.71 9.11
C LYS C 111 16.00 -20.76 8.48
N ASP C 112 15.54 -21.39 7.43
CA ASP C 112 16.32 -22.43 6.74
C ASP C 112 16.63 -22.05 5.30
N LEU C 113 16.79 -20.76 5.04
CA LEU C 113 16.99 -20.28 3.69
C LEU C 113 18.28 -20.84 3.09
N ASP C 114 18.18 -21.43 1.89
CA ASP C 114 19.36 -21.87 1.17
C ASP C 114 19.83 -20.71 0.33
N LEU C 115 21.01 -20.17 0.67
CA LEU C 115 21.47 -18.95 0.03
C LEU C 115 21.84 -19.15 -1.45
N PRO C 116 22.49 -20.27 -1.80
CA PRO C 116 22.73 -20.44 -3.25
C PRO C 116 21.43 -20.52 -4.06
N LEU C 117 20.37 -21.12 -3.49
CA LEU C 117 19.08 -21.13 -4.19
C LEU C 117 18.42 -19.77 -4.24
N PHE C 118 18.57 -18.98 -3.17
CA PHE C 118 18.19 -17.56 -3.19
C PHE C 118 18.87 -16.84 -4.35
N ASP C 119 20.16 -17.10 -4.51
CA ASP C 119 20.92 -16.43 -5.58
C ASP C 119 20.32 -16.77 -6.96
N LYS C 120 19.94 -18.03 -7.15
CA LYS C 120 19.36 -18.45 -8.44
C LYS C 120 18.06 -17.71 -8.76
N VAL C 121 17.17 -17.65 -7.79
CA VAL C 121 15.90 -16.95 -7.95
C VAL C 121 16.10 -15.48 -8.19
N MET C 122 16.97 -14.85 -7.40
CA MET C 122 17.20 -13.43 -7.57
C MET C 122 17.82 -13.11 -8.92
N ARG C 123 18.68 -14.00 -9.43
N ARG C 123 18.67 -13.99 -9.43
CA ARG C 123 19.28 -13.75 -10.74
CA ARG C 123 19.28 -13.76 -10.75
C ARG C 123 18.23 -13.70 -11.85
C ARG C 123 18.23 -13.70 -11.85
N VAL C 124 17.40 -14.72 -11.98
CA VAL C 124 16.42 -14.72 -13.06
C VAL C 124 15.36 -13.66 -12.82
N ASN C 125 14.82 -13.61 -11.61
CA ASN C 125 13.60 -12.85 -11.37
C ASN C 125 13.87 -11.36 -11.16
N THR C 126 15.05 -10.99 -10.67
CA THR C 126 15.39 -9.55 -10.48
C THR C 126 16.40 -9.05 -11.49
N ARG C 127 17.50 -9.77 -11.68
CA ARG C 127 18.50 -9.33 -12.66
C ARG C 127 17.92 -9.43 -14.07
N GLY C 128 17.21 -10.52 -14.35
CA GLY C 128 16.56 -10.66 -15.64
C GLY C 128 15.55 -9.56 -15.92
N ALA C 129 14.75 -9.20 -14.93
CA ALA C 129 13.81 -8.11 -15.08
C ALA C 129 14.55 -6.79 -15.38
N ALA C 130 15.57 -6.49 -14.59
CA ALA C 130 16.33 -5.26 -14.79
C ALA C 130 16.96 -5.18 -16.18
N VAL C 131 17.55 -6.28 -16.62
CA VAL C 131 18.16 -6.35 -17.95
C VAL C 131 17.12 -6.13 -19.06
N CYS C 132 16.00 -6.82 -18.96
CA CYS C 132 14.95 -6.74 -19.99
C CYS C 132 14.31 -5.36 -20.04
N VAL C 133 14.06 -4.76 -18.87
CA VAL C 133 13.49 -3.42 -18.84
C VAL C 133 14.49 -2.43 -19.39
N LYS C 134 15.74 -2.52 -18.97
CA LYS C 134 16.78 -1.61 -19.49
C LYS C 134 16.87 -1.69 -21.00
N GLN C 135 17.04 -2.90 -21.50
CA GLN C 135 17.33 -3.05 -22.93
C GLN C 135 16.10 -2.75 -23.80
N ALA C 136 14.90 -3.07 -23.33
CA ALA C 136 13.69 -2.67 -24.05
C ALA C 136 13.57 -1.16 -24.05
N ALA C 137 13.80 -0.54 -22.89
CA ALA C 137 13.73 0.91 -22.81
C ALA C 137 14.68 1.60 -23.76
N ARG C 138 15.92 1.10 -23.85
CA ARG C 138 16.89 1.71 -24.77
C ARG C 138 16.40 1.69 -26.20
N LYS C 139 15.89 0.53 -26.64
CA LYS C 139 15.42 0.40 -28.01
C LYS C 139 14.16 1.27 -28.23
N MET C 140 13.24 1.27 -27.27
CA MET C 140 12.04 2.10 -27.40
C MET C 140 12.37 3.59 -27.45
N VAL C 141 13.30 4.05 -26.61
CA VAL C 141 13.71 5.44 -26.65
C VAL C 141 14.34 5.77 -28.01
N GLU C 142 15.17 4.89 -28.51
CA GLU C 142 15.82 5.08 -29.81
C GLU C 142 14.77 5.24 -30.93
N LEU C 143 13.72 4.42 -30.91
CA LEU C 143 12.76 4.42 -32.02
C LEU C 143 11.74 5.56 -31.96
N GLY C 144 11.51 6.11 -30.77
CA GLY C 144 10.71 7.32 -30.66
C GLY C 144 9.23 7.15 -30.85
N ARG C 145 8.72 5.93 -30.59
CA ARG C 145 7.29 5.62 -30.80
C ARG C 145 6.58 5.24 -29.50
N GLY C 146 7.17 5.55 -28.35
CA GLY C 146 6.59 5.12 -27.08
C GLY C 146 6.77 3.62 -26.92
N GLY C 147 5.93 3.00 -26.13
CA GLY C 147 6.05 1.58 -25.86
C GLY C 147 5.35 1.19 -24.59
N SER C 148 5.22 -0.12 -24.38
CA SER C 148 4.62 -0.69 -23.21
C SER C 148 5.49 -1.85 -22.73
N ILE C 149 5.99 -1.71 -21.50
CA ILE C 149 6.84 -2.71 -20.87
C ILE C 149 6.03 -3.30 -19.70
N ILE C 150 5.96 -4.62 -19.65
CA ILE C 150 5.15 -5.32 -18.66
C ILE C 150 6.04 -6.35 -17.99
N CYS C 151 6.06 -6.38 -16.65
CA CYS C 151 6.77 -7.43 -15.93
C CYS C 151 5.76 -8.37 -15.30
N ASN C 152 6.08 -9.66 -15.26
CA ASN C 152 5.24 -10.63 -14.60
C ASN C 152 5.71 -10.77 -13.14
N ALA C 153 4.94 -10.20 -12.23
CA ALA C 153 5.27 -10.18 -10.81
C ALA C 153 4.60 -11.37 -10.11
N GLY C 154 3.47 -11.16 -9.45
CA GLY C 154 2.75 -12.22 -8.75
C GLY C 154 2.07 -11.70 -7.51
N SER C 155 1.14 -12.48 -6.99
CA SER C 155 0.46 -12.06 -5.76
C SER C 155 1.43 -11.85 -4.60
N SER C 156 2.55 -12.58 -4.61
CA SER C 156 3.58 -12.41 -3.57
C SER C 156 4.42 -11.16 -3.74
N ALA C 157 4.15 -10.34 -4.77
CA ALA C 157 4.88 -9.07 -4.94
C ALA C 157 4.44 -8.02 -3.94
N VAL C 158 3.26 -8.19 -3.31
CA VAL C 158 2.68 -7.17 -2.45
C VAL C 158 2.28 -7.68 -1.08
N ARG C 159 2.74 -8.89 -0.76
CA ARG C 159 2.42 -9.49 0.53
C ARG C 159 3.51 -10.48 0.88
N GLY C 160 3.62 -10.80 2.16
CA GLY C 160 4.55 -11.83 2.60
C GLY C 160 3.99 -13.23 2.37
N ALA C 161 4.86 -14.21 2.43
CA ALA C 161 4.47 -15.62 2.35
C ALA C 161 5.09 -16.41 3.48
N HIS C 162 4.59 -17.63 3.65
CA HIS C 162 5.05 -18.54 4.71
C HIS C 162 6.28 -19.37 4.31
N GLY C 163 6.72 -19.21 3.08
CA GLY C 163 7.93 -19.80 2.59
C GLY C 163 8.27 -19.07 1.32
N VAL C 164 9.01 -19.72 0.42
CA VAL C 164 9.41 -19.15 -0.85
C VAL C 164 9.92 -17.71 -0.68
N THR C 165 10.74 -17.52 0.36
CA THR C 165 11.08 -16.16 0.81
C THR C 165 11.87 -15.43 -0.27
N ASP C 166 12.79 -16.15 -0.91
CA ASP C 166 13.56 -15.59 -2.02
C ASP C 166 12.67 -15.11 -3.15
N TYR C 167 11.69 -15.94 -3.50
CA TYR C 167 10.73 -15.57 -4.55
C TYR C 167 9.92 -14.34 -4.19
N VAL C 168 9.44 -14.25 -2.95
CA VAL C 168 8.71 -13.06 -2.49
C VAL C 168 9.59 -11.82 -2.62
N MET C 169 10.83 -11.90 -2.14
CA MET C 169 11.76 -10.77 -2.27
C MET C 169 11.94 -10.38 -3.73
N SER C 170 12.08 -11.37 -4.61
CA SER C 170 12.31 -11.09 -6.02
C SER C 170 11.11 -10.37 -6.64
N LYS C 171 9.90 -10.75 -6.26
CA LYS C 171 8.70 -10.14 -6.84
C LYS C 171 8.45 -8.75 -6.29
N HIS C 172 8.75 -8.52 -5.01
CA HIS C 172 8.74 -7.16 -4.47
C HIS C 172 9.76 -6.27 -5.23
N ALA C 173 10.93 -6.79 -5.53
CA ALA C 173 11.94 -6.02 -6.28
C ALA C 173 11.42 -5.63 -7.66
N VAL C 174 10.68 -6.53 -8.28
CA VAL C 174 10.07 -6.22 -9.60
C VAL C 174 9.12 -5.03 -9.50
N ILE C 175 8.32 -4.95 -8.44
CA ILE C 175 7.43 -3.82 -8.26
C ILE C 175 8.26 -2.53 -8.18
N GLY C 176 9.36 -2.53 -7.43
CA GLY C 176 10.21 -1.36 -7.33
C GLY C 176 10.77 -0.93 -8.68
N LEU C 177 11.17 -1.91 -9.47
CA LEU C 177 11.64 -1.66 -10.84
C LEU C 177 10.54 -1.03 -11.70
N VAL C 178 9.35 -1.60 -11.65
CA VAL C 178 8.22 -1.10 -12.45
C VAL C 178 7.89 0.35 -12.06
N ARG C 179 7.81 0.61 -10.78
CA ARG C 179 7.49 1.97 -10.32
C ARG C 179 8.55 2.96 -10.79
N SER C 180 9.82 2.60 -10.61
CA SER C 180 10.92 3.47 -10.99
C SER C 180 10.98 3.68 -12.49
N ALA C 181 10.90 2.59 -13.23
CA ALA C 181 10.96 2.69 -14.69
C ALA C 181 9.81 3.54 -15.23
N SER C 182 8.61 3.41 -14.64
N SER C 182 8.61 3.41 -14.64
CA SER C 182 7.45 4.19 -15.08
CA SER C 182 7.46 4.18 -15.08
C SER C 182 7.74 5.69 -14.92
C SER C 182 7.73 5.67 -14.93
N MET C 183 8.36 6.04 -13.81
N MET C 183 8.36 6.05 -13.82
CA MET C 183 8.68 7.44 -13.54
CA MET C 183 8.66 7.44 -13.57
C MET C 183 9.74 7.97 -14.48
C MET C 183 9.73 7.96 -14.51
N GLN C 184 10.73 7.13 -14.79
CA GLN C 184 11.89 7.56 -15.58
C GLN C 184 11.63 7.58 -17.07
N LEU C 185 10.74 6.71 -17.54
CA LEU C 185 10.52 6.54 -18.98
C LEU C 185 9.24 7.19 -19.48
N GLY C 186 8.40 7.69 -18.58
CA GLY C 186 7.21 8.39 -18.99
C GLY C 186 7.43 9.59 -19.90
N ALA C 187 8.57 10.26 -19.74
CA ALA C 187 8.89 11.40 -20.61
C ALA C 187 8.97 11.02 -22.06
N HIS C 188 9.30 9.75 -22.35
CA HIS C 188 9.33 9.22 -23.71
C HIS C 188 8.08 8.46 -24.11
N SER C 189 6.98 8.66 -23.38
CA SER C 189 5.70 7.99 -23.66
C SER C 189 5.81 6.46 -23.55
N ILE C 190 6.72 5.98 -22.70
CA ILE C 190 6.86 4.56 -22.46
C ILE C 190 6.17 4.26 -21.13
N ARG C 191 5.24 3.30 -21.16
CA ARG C 191 4.52 2.85 -19.97
C ARG C 191 5.19 1.60 -19.42
N VAL C 192 5.18 1.48 -18.09
CA VAL C 192 5.76 0.32 -17.44
C VAL C 192 4.78 -0.13 -16.35
N ASN C 193 4.38 -1.40 -16.41
CA ASN C 193 3.40 -1.96 -15.50
C ASN C 193 3.77 -3.41 -15.20
N SER C 194 3.07 -3.99 -14.24
CA SER C 194 3.21 -5.44 -14.00
C SER C 194 1.84 -6.10 -14.01
N VAL C 195 1.85 -7.40 -14.30
N VAL C 195 1.85 -7.41 -14.29
CA VAL C 195 0.69 -8.28 -14.08
CA VAL C 195 0.69 -8.28 -14.10
C VAL C 195 1.10 -9.26 -12.99
C VAL C 195 1.09 -9.26 -13.01
N SER C 196 0.14 -9.61 -12.14
CA SER C 196 0.42 -10.49 -10.98
C SER C 196 -0.54 -11.66 -10.92
N PRO C 197 -0.11 -12.81 -11.43
CA PRO C 197 -0.91 -14.02 -11.33
C PRO C 197 -0.77 -14.71 -9.98
N MET C 198 -1.49 -15.81 -9.84
CA MET C 198 -1.51 -16.59 -8.60
C MET C 198 -1.79 -18.07 -8.80
N ALA C 199 -2.74 -18.40 -9.68
CA ALA C 199 -3.40 -19.69 -9.63
C ALA C 199 -3.42 -20.48 -10.95
N VAL C 200 -2.37 -20.29 -11.74
CA VAL C 200 -2.22 -21.00 -13.01
C VAL C 200 -1.24 -22.15 -12.81
N ALA C 201 -1.68 -23.38 -13.00
CA ALA C 201 -0.76 -24.53 -12.86
C ALA C 201 0.19 -24.57 -14.06
N THR C 202 1.48 -24.54 -13.79
CA THR C 202 2.51 -24.53 -14.84
C THR C 202 3.71 -25.32 -14.35
N PRO C 203 4.70 -25.58 -15.21
CA PRO C 203 5.92 -26.26 -14.74
C PRO C 203 6.59 -25.51 -13.58
N LEU C 204 6.51 -24.17 -13.56
CA LEU C 204 7.07 -23.40 -12.46
C LEU C 204 6.33 -23.69 -11.14
N THR C 205 5.00 -23.67 -11.17
CA THR C 205 4.24 -23.88 -9.95
C THR C 205 4.32 -25.33 -9.44
N ARG C 206 4.63 -26.26 -10.35
CA ARG C 206 4.89 -27.65 -9.98
C ARG C 206 6.00 -27.77 -8.92
N ASN C 207 6.95 -26.82 -8.93
CA ASN C 207 8.02 -26.83 -7.92
C ASN C 207 7.50 -26.66 -6.49
N GLN C 208 6.33 -26.07 -6.32
CA GLN C 208 5.66 -25.96 -5.03
C GLN C 208 4.36 -26.77 -4.96
N GLY C 209 4.30 -27.86 -5.72
CA GLY C 209 3.22 -28.82 -5.59
C GLY C 209 1.93 -28.50 -6.30
N ILE C 210 1.93 -27.50 -7.19
CA ILE C 210 0.73 -27.11 -7.92
C ILE C 210 0.90 -27.55 -9.37
N SER C 211 0.41 -28.74 -9.68
N SER C 211 0.42 -28.75 -9.67
CA SER C 211 0.63 -29.39 -10.99
CA SER C 211 0.64 -29.40 -10.98
C SER C 211 -0.63 -29.39 -11.87
C SER C 211 -0.62 -29.39 -11.86
N THR C 212 -1.79 -29.58 -11.24
CA THR C 212 -3.04 -29.68 -11.96
C THR C 212 -4.03 -28.60 -11.53
N PRO C 213 -5.06 -28.36 -12.36
CA PRO C 213 -6.19 -27.51 -11.91
C PRO C 213 -6.84 -27.99 -10.60
N ASP C 214 -6.86 -29.29 -10.34
CA ASP C 214 -7.36 -29.79 -9.06
C ASP C 214 -6.47 -29.38 -7.87
N ASP C 215 -5.15 -29.40 -8.06
CA ASP C 215 -4.22 -28.87 -7.03
C ASP C 215 -4.52 -27.40 -6.76
N VAL C 216 -4.80 -26.63 -7.80
CA VAL C 216 -5.16 -25.24 -7.62
C VAL C 216 -6.43 -25.12 -6.74
N GLN C 217 -7.44 -25.92 -7.05
CA GLN C 217 -8.67 -25.90 -6.26
C GLN C 217 -8.47 -26.29 -4.79
N LYS C 218 -7.68 -27.32 -4.55
CA LYS C 218 -7.47 -27.81 -3.19
C LYS C 218 -6.55 -26.92 -2.34
N PHE C 219 -5.48 -26.43 -2.93
CA PHE C 219 -4.42 -25.74 -2.15
C PHE C 219 -4.46 -24.22 -2.23
N LEU C 220 -4.88 -23.66 -3.36
CA LEU C 220 -4.84 -22.21 -3.55
C LEU C 220 -6.19 -21.55 -3.39
N MET C 221 -7.23 -22.16 -3.95
CA MET C 221 -8.55 -21.52 -3.92
C MET C 221 -9.15 -21.21 -2.54
N PRO C 222 -8.78 -21.95 -1.48
CA PRO C 222 -9.29 -21.50 -0.16
C PRO C 222 -8.87 -20.10 0.23
N PHE C 223 -7.79 -19.62 -0.37
CA PHE C 223 -7.23 -18.30 -0.07
C PHE C 223 -7.65 -17.22 -1.05
N ILE C 224 -8.60 -17.55 -1.93
CA ILE C 224 -8.98 -16.68 -3.06
C ILE C 224 -10.49 -16.39 -2.98
N SER C 225 -10.86 -15.13 -3.08
CA SER C 225 -12.28 -14.74 -2.89
C SER C 225 -13.20 -15.17 -4.04
N LEU C 226 -12.75 -15.03 -5.26
CA LEU C 226 -13.64 -15.20 -6.40
C LEU C 226 -13.81 -16.68 -6.72
N LYS C 227 -15.04 -17.14 -6.60
CA LYS C 227 -15.43 -18.54 -6.86
C LYS C 227 -16.19 -18.65 -8.18
N GLY C 228 -16.24 -19.86 -8.72
CA GLY C 228 -17.01 -20.13 -9.94
C GLY C 228 -16.37 -19.68 -11.23
N VAL C 229 -15.09 -19.32 -11.17
CA VAL C 229 -14.34 -18.84 -12.33
C VAL C 229 -13.00 -19.56 -12.34
N PRO C 230 -12.92 -20.72 -13.00
CA PRO C 230 -11.66 -21.47 -12.93
C PRO C 230 -10.48 -20.64 -13.47
N PRO C 231 -9.36 -20.62 -12.73
CA PRO C 231 -8.25 -19.79 -13.19
C PRO C 231 -7.49 -20.40 -14.35
N THR C 232 -7.06 -19.55 -15.29
CA THR C 232 -6.37 -20.00 -16.49
C THR C 232 -5.19 -19.10 -16.85
N ALA C 233 -4.28 -19.64 -17.67
CA ALA C 233 -3.18 -18.83 -18.20
C ALA C 233 -3.71 -17.71 -19.09
N GLU C 234 -4.79 -18.00 -19.82
CA GLU C 234 -5.36 -17.04 -20.76
C GLU C 234 -5.87 -15.79 -20.07
N GLN C 235 -6.37 -15.90 -18.84
CA GLN C 235 -6.78 -14.71 -18.07
C GLN C 235 -5.61 -13.75 -17.84
N VAL C 236 -4.44 -14.30 -17.55
CA VAL C 236 -3.27 -13.48 -17.35
C VAL C 236 -2.87 -12.82 -18.69
N ALA C 237 -2.90 -13.62 -19.76
CA ALA C 237 -2.64 -13.10 -21.10
C ALA C 237 -3.55 -11.94 -21.45
N GLU C 238 -4.84 -12.02 -21.09
CA GLU C 238 -5.77 -10.92 -21.36
C GLU C 238 -5.36 -9.64 -20.67
N ALA C 239 -4.90 -9.74 -19.42
CA ALA C 239 -4.43 -8.57 -18.70
C ALA C 239 -3.17 -7.97 -19.36
N ALA C 240 -2.26 -8.83 -19.80
CA ALA C 240 -1.06 -8.38 -20.49
C ALA C 240 -1.44 -7.69 -21.82
N ALA C 241 -2.42 -8.25 -22.52
CA ALA C 241 -2.85 -7.64 -23.79
C ALA C 241 -3.52 -6.28 -23.57
N PHE C 242 -4.32 -6.14 -22.52
CA PHE C 242 -4.89 -4.86 -22.12
C PHE C 242 -3.76 -3.86 -21.89
N LEU C 243 -2.81 -4.21 -21.03
CA LEU C 243 -1.71 -3.29 -20.71
C LEU C 243 -0.79 -2.99 -21.88
N GLY C 244 -0.63 -3.93 -22.78
CA GLY C 244 0.23 -3.75 -23.98
C GLY C 244 -0.42 -2.91 -25.04
N SER C 245 -1.74 -2.69 -24.95
CA SER C 245 -2.52 -2.02 -25.99
C SER C 245 -2.85 -0.58 -25.63
N ASP C 246 -3.42 0.13 -26.60
N ASP C 246 -3.40 0.13 -26.61
CA ASP C 246 -3.91 1.49 -26.37
CA ASP C 246 -3.91 1.49 -26.37
C ASP C 246 -5.15 1.55 -25.49
C ASP C 246 -5.16 1.55 -25.50
N GLU C 247 -5.74 0.40 -25.14
CA GLU C 247 -6.82 0.39 -24.15
C GLU C 247 -6.31 0.90 -22.81
N ALA C 248 -5.01 0.74 -22.57
CA ALA C 248 -4.34 1.18 -21.35
C ALA C 248 -3.36 2.34 -21.62
N ALA C 249 -3.73 3.21 -22.57
CA ALA C 249 -2.84 4.28 -23.04
C ALA C 249 -2.34 5.23 -21.97
N PHE C 250 -3.10 5.38 -20.89
CA PHE C 250 -2.74 6.31 -19.81
C PHE C 250 -2.53 5.57 -18.48
N VAL C 251 -2.20 4.28 -18.56
CA VAL C 251 -1.95 3.45 -17.36
C VAL C 251 -0.48 3.13 -17.26
N THR C 252 0.15 3.56 -16.16
CA THR C 252 1.58 3.30 -15.97
C THR C 252 1.88 3.26 -14.49
N GLY C 253 2.94 2.54 -14.16
CA GLY C 253 3.40 2.42 -12.78
C GLY C 253 2.59 1.47 -11.92
N HIS C 254 1.76 0.64 -12.56
CA HIS C 254 0.70 -0.09 -11.89
C HIS C 254 0.94 -1.59 -11.90
N ASP C 255 0.50 -2.26 -10.83
CA ASP C 255 0.44 -3.72 -10.78
C ASP C 255 -1.02 -4.15 -10.92
N LEU C 256 -1.29 -4.98 -11.92
CA LEU C 256 -2.62 -5.48 -12.22
C LEU C 256 -2.71 -6.96 -11.83
N PRO C 257 -3.34 -7.26 -10.69
CA PRO C 257 -3.39 -8.66 -10.24
C PRO C 257 -4.50 -9.42 -10.93
N VAL C 258 -4.17 -10.63 -11.33
CA VAL C 258 -5.11 -11.55 -11.96
C VAL C 258 -5.09 -12.77 -11.04
N ASP C 259 -5.77 -12.62 -9.92
CA ASP C 259 -5.63 -13.56 -8.81
C ASP C 259 -6.89 -13.86 -8.03
N GLY C 260 -8.04 -13.39 -8.49
CA GLY C 260 -9.31 -13.68 -7.81
C GLY C 260 -9.50 -13.07 -6.46
N GLY C 261 -8.63 -12.14 -6.07
CA GLY C 261 -8.67 -11.51 -4.76
C GLY C 261 -8.04 -12.42 -3.73
N VAL C 262 -6.74 -12.25 -3.50
CA VAL C 262 -6.01 -13.11 -2.58
C VAL C 262 -6.17 -12.59 -1.16
N LEU C 263 -6.71 -13.42 -0.28
CA LEU C 263 -6.90 -13.06 1.12
C LEU C 263 -5.54 -12.96 1.82
N CYS C 264 -4.74 -14.01 1.65
CA CYS C 264 -3.36 -14.08 2.14
C CYS C 264 -2.71 -15.24 1.41
N MET C 265 -1.39 -15.34 1.45
CA MET C 265 -0.72 -16.47 0.78
C MET C 265 -1.00 -17.78 1.54
N PRO C 266 -1.13 -18.90 0.81
CA PRO C 266 -1.37 -20.19 1.50
C PRO C 266 -0.31 -20.59 2.54
N PHE C 267 -0.73 -21.31 3.59
CA PHE C 267 0.22 -21.84 4.58
C PHE C 267 1.08 -22.97 4.03
N LEU C 268 2.25 -23.18 4.64
CA LEU C 268 3.02 -24.41 4.42
C LEU C 268 2.38 -25.58 5.20
N LYS D 11 -15.97 -10.66 -31.87
CA LYS D 11 -16.94 -10.55 -30.74
C LYS D 11 -16.59 -9.38 -29.85
N LYS D 12 -17.54 -8.44 -29.67
CA LYS D 12 -17.25 -7.23 -28.92
C LYS D 12 -17.35 -7.53 -27.43
N LYS D 13 -16.52 -6.85 -26.63
CA LYS D 13 -16.25 -7.35 -25.28
C LYS D 13 -17.42 -7.23 -24.32
N LEU D 14 -18.44 -6.41 -24.62
CA LEU D 14 -19.62 -6.29 -23.74
C LEU D 14 -20.89 -6.76 -24.47
N GLU D 15 -20.70 -7.58 -25.49
CA GLU D 15 -21.84 -8.05 -26.28
C GLU D 15 -22.95 -8.62 -25.41
N GLY D 16 -24.15 -8.08 -25.56
CA GLY D 16 -25.32 -8.57 -24.86
C GLY D 16 -25.47 -8.18 -23.39
N LYS D 17 -24.51 -7.44 -22.84
N LYS D 17 -24.48 -7.48 -22.82
CA LYS D 17 -24.53 -7.12 -21.43
CA LYS D 17 -24.51 -7.17 -21.40
C LYS D 17 -25.38 -5.90 -21.13
C LYS D 17 -25.41 -5.95 -21.14
N VAL D 18 -25.98 -5.92 -19.94
CA VAL D 18 -26.82 -4.80 -19.47
C VAL D 18 -26.02 -4.08 -18.40
N ALA D 19 -25.83 -2.78 -18.57
CA ALA D 19 -25.06 -1.96 -17.64
C ALA D 19 -25.87 -0.80 -17.09
N ILE D 20 -25.51 -0.38 -15.88
CA ILE D 20 -25.94 0.89 -15.32
C ILE D 20 -24.71 1.76 -15.15
N VAL D 21 -24.81 3.02 -15.54
CA VAL D 21 -23.78 4.01 -15.24
C VAL D 21 -24.40 5.12 -14.42
N THR D 22 -24.05 5.18 -13.15
CA THR D 22 -24.50 6.34 -12.34
C THR D 22 -23.63 7.52 -12.67
N GLY D 23 -24.19 8.72 -12.62
CA GLY D 23 -23.47 9.91 -13.05
C GLY D 23 -23.20 9.91 -14.54
N GLY D 24 -24.01 9.17 -15.32
CA GLY D 24 -23.80 9.04 -16.74
C GLY D 24 -24.23 10.18 -17.62
N ALA D 25 -24.75 11.27 -17.06
CA ALA D 25 -25.18 12.41 -17.87
C ALA D 25 -24.04 13.30 -18.37
N SER D 26 -22.83 13.09 -17.84
CA SER D 26 -21.72 14.01 -18.07
C SER D 26 -20.39 13.29 -17.96
N GLY D 27 -19.36 13.89 -18.54
CA GLY D 27 -17.97 13.52 -18.22
C GLY D 27 -17.63 12.05 -18.43
N ILE D 28 -16.97 11.47 -17.45
CA ILE D 28 -16.50 10.10 -17.55
C ILE D 28 -17.67 9.11 -17.68
N GLY D 29 -18.74 9.35 -16.93
CA GLY D 29 -19.91 8.48 -17.01
C GLY D 29 -20.54 8.47 -18.39
N GLU D 30 -20.70 9.66 -18.99
CA GLU D 30 -21.23 9.75 -20.35
C GLU D 30 -20.31 9.00 -21.33
N ALA D 31 -19.00 9.23 -21.22
CA ALA D 31 -18.07 8.55 -22.12
C ALA D 31 -18.14 7.04 -21.98
N THR D 32 -18.33 6.59 -20.74
CA THR D 32 -18.41 5.17 -20.48
C THR D 32 -19.69 4.55 -21.01
N ALA D 33 -20.83 5.23 -20.81
CA ALA D 33 -22.09 4.78 -21.40
C ALA D 33 -21.96 4.62 -22.91
N ARG D 34 -21.37 5.63 -23.55
CA ARG D 34 -21.19 5.60 -25.00
C ARG D 34 -20.31 4.42 -25.43
N LEU D 35 -19.20 4.23 -24.72
CA LEU D 35 -18.26 3.18 -25.10
C LEU D 35 -18.86 1.79 -24.86
N PHE D 36 -19.63 1.64 -23.79
CA PHE D 36 -20.25 0.35 -23.50
C PHE D 36 -21.18 -0.06 -24.64
N VAL D 37 -21.94 0.89 -25.17
CA VAL D 37 -22.79 0.61 -26.34
C VAL D 37 -21.95 0.27 -27.57
N LYS D 38 -20.87 1.02 -27.81
CA LYS D 38 -19.95 0.70 -28.90
C LYS D 38 -19.37 -0.72 -28.80
N TYR D 39 -19.14 -1.17 -27.56
CA TYR D 39 -18.64 -2.51 -27.28
C TYR D 39 -19.73 -3.58 -27.19
N GLY D 40 -20.94 -3.27 -27.66
CA GLY D 40 -21.97 -4.28 -27.86
C GLY D 40 -22.96 -4.46 -26.74
N ALA D 41 -22.94 -3.60 -25.72
CA ALA D 41 -23.91 -3.72 -24.65
C ALA D 41 -25.35 -3.77 -25.22
N ARG D 42 -26.17 -4.65 -24.65
N ARG D 42 -26.15 -4.67 -24.65
CA ARG D 42 -27.59 -4.68 -24.97
CA ARG D 42 -27.58 -4.73 -24.91
C ARG D 42 -28.21 -3.35 -24.60
C ARG D 42 -28.22 -3.39 -24.58
N ALA D 43 -27.88 -2.87 -23.40
CA ALA D 43 -28.36 -1.60 -22.96
C ALA D 43 -27.51 -0.99 -21.87
N VAL D 44 -27.55 0.33 -21.79
CA VAL D 44 -26.99 1.07 -20.68
C VAL D 44 -28.08 1.96 -20.11
N VAL D 45 -28.28 1.86 -18.79
CA VAL D 45 -29.16 2.78 -18.11
C VAL D 45 -28.30 3.86 -17.44
N ILE D 46 -28.58 5.11 -17.79
CA ILE D 46 -27.93 6.26 -17.17
C ILE D 46 -28.79 6.69 -15.98
N ALA D 47 -28.19 6.65 -14.80
CA ALA D 47 -28.85 7.07 -13.55
C ALA D 47 -28.19 8.37 -13.10
N ASP D 48 -28.94 9.46 -13.06
CA ASP D 48 -28.34 10.78 -12.72
C ASP D 48 -29.44 11.66 -12.17
N ILE D 49 -29.03 12.73 -11.52
CA ILE D 49 -29.95 13.76 -11.06
C ILE D 49 -30.20 14.86 -12.10
N GLN D 50 -29.35 14.94 -13.13
CA GLN D 50 -29.51 15.96 -14.19
C GLN D 50 -30.44 15.41 -15.27
N SER D 51 -31.73 15.66 -15.15
N SER D 51 -31.73 15.75 -15.19
CA SER D 51 -32.72 14.96 -16.01
CA SER D 51 -32.79 15.11 -15.97
C SER D 51 -32.68 15.42 -17.47
C SER D 51 -32.70 15.44 -17.44
N GLU D 52 -32.66 16.74 -17.71
CA GLU D 52 -32.63 17.22 -19.10
C GLU D 52 -31.35 16.75 -19.79
N LEU D 53 -30.22 16.89 -19.10
CA LEU D 53 -28.96 16.48 -19.67
C LEU D 53 -28.88 14.96 -19.86
N GLY D 54 -29.32 14.21 -18.86
CA GLY D 54 -29.32 12.75 -18.98
C GLY D 54 -30.17 12.22 -20.11
N ARG D 55 -31.36 12.80 -20.27
N ARG D 55 -31.36 12.80 -20.24
CA ARG D 55 -32.25 12.44 -21.38
CA ARG D 55 -32.26 12.44 -21.32
C ARG D 55 -31.60 12.74 -22.70
C ARG D 55 -31.59 12.72 -22.69
N SER D 56 -30.91 13.86 -22.80
CA SER D 56 -30.23 14.25 -24.06
C SER D 56 -29.09 13.28 -24.39
N VAL D 57 -28.35 12.85 -23.39
CA VAL D 57 -27.29 11.86 -23.61
C VAL D 57 -27.91 10.52 -24.08
N ALA D 58 -28.96 10.07 -23.41
CA ALA D 58 -29.62 8.83 -23.83
C ALA D 58 -30.13 8.88 -25.26
N GLU D 59 -30.72 10.01 -25.65
CA GLU D 59 -31.20 10.18 -27.02
C GLU D 59 -30.04 10.15 -28.01
N SER D 60 -28.92 10.76 -27.64
CA SER D 60 -27.72 10.79 -28.49
C SER D 60 -27.11 9.40 -28.70
N ILE D 61 -27.09 8.59 -27.65
CA ILE D 61 -26.59 7.22 -27.74
C ILE D 61 -27.55 6.35 -28.53
N GLY D 62 -28.85 6.58 -28.34
CA GLY D 62 -29.89 5.85 -29.08
C GLY D 62 -30.82 5.15 -28.06
N LYS D 63 -32.09 5.53 -28.10
CA LYS D 63 -33.04 5.09 -27.08
C LYS D 63 -33.34 3.59 -27.09
N GLU D 64 -33.03 2.90 -28.18
CA GLU D 64 -33.17 1.44 -28.19
C GLU D 64 -32.12 0.73 -27.35
N ARG D 65 -31.00 1.42 -27.09
CA ARG D 65 -29.91 0.84 -26.28
C ARG D 65 -29.53 1.64 -25.05
N CYS D 66 -30.23 2.74 -24.77
CA CYS D 66 -29.89 3.58 -23.63
C CYS D 66 -31.15 4.21 -23.09
N SER D 67 -31.34 4.13 -21.77
CA SER D 67 -32.45 4.81 -21.10
C SER D 67 -31.90 5.69 -20.00
N PHE D 68 -32.58 6.80 -19.74
CA PHE D 68 -32.28 7.64 -18.62
C PHE D 68 -33.30 7.39 -17.50
N VAL D 69 -32.80 7.25 -16.27
CA VAL D 69 -33.65 7.18 -15.09
C VAL D 69 -33.17 8.21 -14.07
N GLN D 70 -34.06 9.07 -13.65
CA GLN D 70 -33.80 10.02 -12.59
C GLN D 70 -33.49 9.29 -11.30
N CYS D 71 -32.34 9.57 -10.71
CA CYS D 71 -31.91 8.79 -9.54
C CYS D 71 -30.82 9.51 -8.76
N ASP D 72 -31.09 9.77 -7.47
CA ASP D 72 -30.08 10.26 -6.54
C ASP D 72 -29.42 9.01 -5.91
N VAL D 73 -28.15 8.80 -6.21
CA VAL D 73 -27.45 7.58 -5.75
C VAL D 73 -27.38 7.37 -4.24
N ALA D 74 -27.54 8.44 -3.47
CA ALA D 74 -27.51 8.32 -2.01
C ALA D 74 -28.87 7.92 -1.43
N ASP D 75 -29.92 7.86 -2.26
CA ASP D 75 -31.27 7.51 -1.82
C ASP D 75 -31.52 6.04 -2.20
N GLU D 76 -31.53 5.20 -1.19
CA GLU D 76 -31.60 3.77 -1.42
C GLU D 76 -32.84 3.32 -2.19
N GLU D 77 -33.99 3.91 -1.89
N GLU D 77 -34.01 3.88 -1.90
CA GLU D 77 -35.24 3.54 -2.56
CA GLU D 77 -35.22 3.46 -2.59
C GLU D 77 -35.17 3.91 -4.03
C GLU D 77 -35.19 3.90 -4.06
N GLN D 78 -34.58 5.06 -4.35
CA GLN D 78 -34.46 5.48 -5.76
C GLN D 78 -33.54 4.54 -6.51
N VAL D 79 -32.41 4.16 -5.89
CA VAL D 79 -31.49 3.25 -6.54
C VAL D 79 -32.10 1.87 -6.72
N LYS D 80 -32.76 1.35 -5.70
CA LYS D 80 -33.43 0.05 -5.81
C LYS D 80 -34.45 0.05 -6.97
N SER D 81 -35.26 1.11 -7.04
N SER D 81 -35.27 1.08 -7.05
CA SER D 81 -36.27 1.24 -8.08
CA SER D 81 -36.27 1.17 -8.12
C SER D 81 -35.64 1.27 -9.49
C SER D 81 -35.65 1.27 -9.50
N MET D 82 -34.57 2.03 -9.61
CA MET D 82 -33.85 2.14 -10.87
C MET D 82 -33.24 0.80 -11.33
N ILE D 83 -32.67 0.07 -10.38
CA ILE D 83 -32.12 -1.25 -10.70
C ILE D 83 -33.21 -2.26 -11.07
N GLU D 84 -34.33 -2.24 -10.33
CA GLU D 84 -35.44 -3.14 -10.65
C GLU D 84 -35.96 -2.84 -12.04
N TRP D 85 -36.10 -1.55 -12.36
CA TRP D 85 -36.59 -1.17 -13.69
C TRP D 85 -35.63 -1.63 -14.78
N THR D 86 -34.34 -1.47 -14.53
CA THR D 86 -33.32 -1.88 -15.49
C THR D 86 -33.41 -3.39 -15.77
N ALA D 87 -33.45 -4.17 -14.71
CA ALA D 87 -33.47 -5.62 -14.84
C ALA D 87 -34.74 -6.12 -15.51
N THR D 88 -35.89 -5.50 -15.18
CA THR D 88 -37.15 -5.90 -15.80
C THR D 88 -37.20 -5.50 -17.28
N THR D 89 -36.74 -4.30 -17.57
CA THR D 89 -36.80 -3.77 -18.94
C THR D 89 -35.85 -4.49 -19.89
N TYR D 90 -34.62 -4.75 -19.43
CA TYR D 90 -33.58 -5.26 -20.31
C TYR D 90 -33.15 -6.70 -20.00
N GLY D 91 -33.72 -7.34 -18.98
CA GLY D 91 -33.56 -8.76 -18.78
C GLY D 91 -32.34 -9.19 -17.97
N GLY D 92 -31.68 -8.25 -17.33
CA GLY D 92 -30.59 -8.59 -16.44
C GLY D 92 -29.87 -7.36 -15.94
N LEU D 93 -28.75 -7.60 -15.29
CA LEU D 93 -27.85 -6.56 -14.84
C LEU D 93 -26.48 -7.18 -14.70
N ASP D 94 -25.59 -6.87 -15.63
CA ASP D 94 -24.29 -7.50 -15.68
C ASP D 94 -23.17 -6.61 -15.16
N VAL D 95 -23.30 -5.30 -15.36
CA VAL D 95 -22.28 -4.34 -14.94
C VAL D 95 -22.93 -3.16 -14.23
N MET D 96 -22.45 -2.82 -13.05
CA MET D 96 -22.81 -1.56 -12.37
C MET D 96 -21.56 -0.71 -12.33
N PHE D 97 -21.62 0.47 -12.92
CA PHE D 97 -20.55 1.46 -12.79
C PHE D 97 -21.07 2.58 -11.87
N SER D 98 -20.69 2.49 -10.61
CA SER D 98 -21.03 3.49 -9.60
C SER D 98 -20.02 4.61 -9.75
N ASN D 99 -20.40 5.63 -10.53
CA ASN D 99 -19.50 6.67 -11.01
C ASN D 99 -19.86 8.07 -10.51
N ALA D 100 -21.10 8.30 -10.10
CA ALA D 100 -21.49 9.63 -9.61
C ALA D 100 -20.55 10.12 -8.52
N GLY D 101 -20.26 11.41 -8.55
CA GLY D 101 -19.44 12.04 -7.50
C GLY D 101 -19.65 13.53 -7.49
N VAL D 102 -19.19 14.15 -6.40
CA VAL D 102 -19.17 15.60 -6.28
C VAL D 102 -17.83 16.05 -5.68
N LEU D 103 -17.48 17.30 -5.97
CA LEU D 103 -16.27 17.95 -5.45
C LEU D 103 -16.63 19.38 -5.14
N ASN D 104 -16.33 19.85 -3.95
CA ASN D 104 -16.64 21.23 -3.57
C ASN D 104 -15.69 22.23 -4.22
N SER D 105 -16.17 23.44 -4.40
CA SER D 105 -15.33 24.53 -4.88
C SER D 105 -14.43 25.12 -3.78
N ALA D 106 -14.83 25.01 -2.53
CA ALA D 106 -14.01 25.46 -1.41
C ALA D 106 -12.73 24.61 -1.32
N ALA D 107 -11.67 25.19 -0.78
CA ALA D 107 -10.38 24.52 -0.72
C ALA D 107 -10.39 23.22 0.07
N GLN D 108 -11.17 23.20 1.14
CA GLN D 108 -11.28 22.04 2.03
C GLN D 108 -9.94 21.52 2.54
N THR D 109 -9.09 22.44 2.98
CA THR D 109 -7.96 22.07 3.83
C THR D 109 -8.50 21.54 5.15
N VAL D 110 -7.74 20.70 5.84
N VAL D 110 -7.72 20.71 5.85
CA VAL D 110 -8.24 20.19 7.12
CA VAL D 110 -8.19 20.19 7.14
C VAL D 110 -8.33 21.29 8.17
C VAL D 110 -8.34 21.30 8.16
N LYS D 111 -7.38 22.23 8.21
CA LYS D 111 -7.41 23.30 9.20
C LYS D 111 -8.65 24.18 9.08
N ASP D 112 -9.11 24.38 7.84
CA ASP D 112 -10.27 25.21 7.57
C ASP D 112 -11.41 24.43 6.95
N LEU D 113 -11.54 23.15 7.32
CA LEU D 113 -12.53 22.28 6.71
C LEU D 113 -13.94 22.79 7.00
N ASP D 114 -14.74 22.90 5.95
CA ASP D 114 -16.15 23.25 6.12
C ASP D 114 -16.91 21.95 6.30
N LEU D 115 -17.45 21.74 7.51
CA LEU D 115 -18.06 20.44 7.82
C LEU D 115 -19.35 20.18 7.04
N PRO D 116 -20.21 21.19 6.86
CA PRO D 116 -21.39 20.93 6.02
C PRO D 116 -21.03 20.52 4.59
N LEU D 117 -19.97 21.11 4.04
CA LEU D 117 -19.51 20.71 2.70
C LEU D 117 -18.87 19.32 2.69
N PHE D 118 -18.15 18.97 3.76
CA PHE D 118 -17.69 17.60 3.98
C PHE D 118 -18.88 16.62 3.93
N ASP D 119 -19.96 17.00 4.60
CA ASP D 119 -21.13 16.12 4.64
C ASP D 119 -21.69 15.88 3.23
N LYS D 120 -21.71 16.92 2.41
N LYS D 120 -21.70 16.91 2.39
CA LYS D 120 -22.22 16.77 1.04
CA LYS D 120 -22.21 16.80 1.00
C LYS D 120 -21.39 15.77 0.21
C LYS D 120 -21.38 15.81 0.18
N VAL D 121 -20.06 15.95 0.27
CA VAL D 121 -19.15 15.05 -0.44
C VAL D 121 -19.26 13.64 0.04
N MET D 122 -19.28 13.45 1.36
CA MET D 122 -19.37 12.11 1.91
C MET D 122 -20.68 11.44 1.54
N ARG D 123 -21.77 12.20 1.48
N ARG D 123 -21.77 12.20 1.47
CA ARG D 123 -23.06 11.61 1.10
CA ARG D 123 -23.07 11.62 1.09
C ARG D 123 -23.03 11.02 -0.32
C ARG D 123 -23.03 11.02 -0.32
N VAL D 124 -22.65 11.82 -1.30
CA VAL D 124 -22.65 11.31 -2.68
C VAL D 124 -21.59 10.26 -2.89
N ASN D 125 -20.38 10.56 -2.43
CA ASN D 125 -19.23 9.77 -2.84
C ASN D 125 -19.08 8.50 -2.00
N THR D 126 -19.55 8.48 -0.75
CA THR D 126 -19.46 7.26 0.08
C THR D 126 -20.80 6.58 0.28
N ARG D 127 -21.83 7.33 0.66
CA ARG D 127 -23.14 6.74 0.83
C ARG D 127 -23.69 6.26 -0.50
N GLY D 128 -23.52 7.08 -1.54
CA GLY D 128 -23.95 6.67 -2.87
C GLY D 128 -23.24 5.41 -3.35
N ALA D 129 -21.94 5.30 -3.12
CA ALA D 129 -21.20 4.10 -3.47
C ALA D 129 -21.75 2.89 -2.72
N ALA D 130 -21.92 3.02 -1.41
CA ALA D 130 -22.43 1.90 -0.60
C ALA D 130 -23.81 1.45 -1.06
N VAL D 131 -24.69 2.40 -1.31
CA VAL D 131 -26.05 2.09 -1.79
C VAL D 131 -26.00 1.37 -3.15
N CYS D 132 -25.21 1.89 -4.08
CA CYS D 132 -25.15 1.31 -5.43
C CYS D 132 -24.52 -0.07 -5.43
N VAL D 133 -23.47 -0.27 -4.61
CA VAL D 133 -22.85 -1.58 -4.53
C VAL D 133 -23.82 -2.56 -3.87
N LYS D 134 -24.47 -2.15 -2.78
CA LYS D 134 -25.44 -3.01 -2.10
C LYS D 134 -26.54 -3.43 -3.06
N GLN D 135 -27.17 -2.47 -3.68
CA GLN D 135 -28.36 -2.76 -4.48
C GLN D 135 -28.03 -3.52 -5.78
N ALA D 136 -26.88 -3.22 -6.40
CA ALA D 136 -26.42 -4.03 -7.53
C ALA D 136 -26.13 -5.44 -7.09
N ALA D 137 -25.44 -5.59 -5.97
CA ALA D 137 -25.12 -6.93 -5.45
C ALA D 137 -26.37 -7.75 -5.19
N ARG D 138 -27.39 -7.14 -4.59
CA ARG D 138 -28.63 -7.87 -4.34
C ARG D 138 -29.26 -8.41 -5.62
N LYS D 139 -29.33 -7.56 -6.64
CA LYS D 139 -29.92 -7.98 -7.91
C LYS D 139 -29.03 -9.05 -8.60
N MET D 140 -27.71 -8.86 -8.57
CA MET D 140 -26.83 -9.85 -9.18
C MET D 140 -26.90 -11.21 -8.45
N VAL D 141 -26.98 -11.20 -7.13
CA VAL D 141 -27.14 -12.45 -6.39
C VAL D 141 -28.46 -13.12 -6.76
N GLU D 142 -29.52 -12.34 -6.85
CA GLU D 142 -30.83 -12.86 -7.23
C GLU D 142 -30.79 -13.54 -8.60
N LEU D 143 -30.10 -12.94 -9.58
CA LEU D 143 -30.10 -13.46 -10.94
C LEU D 143 -29.19 -14.67 -11.15
N GLY D 144 -28.17 -14.82 -10.33
CA GLY D 144 -27.32 -16.01 -10.36
C GLY D 144 -26.40 -16.14 -11.54
N ARG D 145 -26.00 -15.02 -12.13
CA ARG D 145 -25.15 -15.02 -13.34
C ARG D 145 -23.80 -14.33 -13.11
N GLY D 146 -23.43 -14.13 -11.86
CA GLY D 146 -22.21 -13.36 -11.56
C GLY D 146 -22.44 -11.91 -11.85
N GLY D 147 -21.38 -11.18 -12.14
CA GLY D 147 -21.51 -9.74 -12.40
C GLY D 147 -20.23 -9.00 -12.10
N SER D 148 -20.19 -7.75 -12.52
CA SER D 148 -19.03 -6.89 -12.34
C SER D 148 -19.50 -5.53 -11.85
N ILE D 149 -19.01 -5.15 -10.67
CA ILE D 149 -19.37 -3.88 -10.03
C ILE D 149 -18.08 -3.05 -10.00
N ILE D 150 -18.17 -1.81 -10.47
CA ILE D 150 -17.00 -0.94 -10.59
C ILE D 150 -17.35 0.38 -9.93
N CYS D 151 -16.47 0.86 -9.03
CA CYS D 151 -16.64 2.21 -8.46
C CYS D 151 -15.62 3.13 -9.07
N ASN D 152 -15.99 4.39 -9.27
CA ASN D 152 -15.06 5.41 -9.74
C ASN D 152 -14.46 6.10 -8.50
N ALA D 153 -13.20 5.77 -8.21
CA ALA D 153 -12.48 6.29 -7.05
C ALA D 153 -11.69 7.53 -7.46
N GLY D 154 -10.39 7.42 -7.69
CA GLY D 154 -9.54 8.55 -8.08
C GLY D 154 -8.14 8.38 -7.53
N SER D 155 -7.21 9.15 -8.09
CA SER D 155 -5.82 9.08 -7.61
C SER D 155 -5.73 9.42 -6.12
N SER D 156 -6.63 10.27 -5.64
CA SER D 156 -6.67 10.63 -4.20
C SER D 156 -7.22 9.50 -3.32
N ALA D 157 -7.58 8.36 -3.87
CA ALA D 157 -8.02 7.21 -3.08
C ALA D 157 -6.89 6.52 -2.34
N VAL D 158 -5.65 6.73 -2.80
CA VAL D 158 -4.48 5.98 -2.26
C VAL D 158 -3.35 6.89 -1.82
N ARG D 159 -3.63 8.19 -1.72
CA ARG D 159 -2.61 9.14 -1.29
C ARG D 159 -3.30 10.34 -0.69
N GLY D 160 -2.57 11.09 0.12
CA GLY D 160 -3.10 12.34 0.65
C GLY D 160 -3.04 13.47 -0.36
N ALA D 161 -3.77 14.54 -0.07
CA ALA D 161 -3.73 15.76 -0.86
C ALA D 161 -3.54 16.97 0.01
N HIS D 162 -3.21 18.10 -0.64
CA HIS D 162 -2.98 19.36 0.05
C HIS D 162 -4.25 20.19 0.29
N GLY D 163 -5.37 19.67 -0.19
CA GLY D 163 -6.67 20.24 0.02
C GLY D 163 -7.67 19.17 -0.29
N VAL D 164 -8.90 19.56 -0.60
CA VAL D 164 -9.96 18.63 -0.96
C VAL D 164 -10.02 17.42 0.00
N THR D 165 -9.87 17.71 1.28
CA THR D 165 -9.63 16.65 2.27
C THR D 165 -10.83 15.73 2.39
N ASP D 166 -12.02 16.31 2.34
CA ASP D 166 -13.25 15.50 2.33
C ASP D 166 -13.31 14.55 1.15
N TYR D 167 -12.95 15.04 -0.02
CA TYR D 167 -12.92 14.22 -1.22
C TYR D 167 -11.91 13.07 -1.10
N VAL D 168 -10.70 13.37 -0.59
CA VAL D 168 -9.71 12.32 -0.34
C VAL D 168 -10.26 11.25 0.60
N MET D 169 -10.84 11.67 1.69
CA MET D 169 -11.45 10.71 2.65
C MET D 169 -12.51 9.86 1.96
N SER D 170 -13.34 10.50 1.13
CA SER D 170 -14.41 9.78 0.45
C SER D 170 -13.87 8.72 -0.49
N LYS D 171 -12.79 9.03 -1.19
CA LYS D 171 -12.22 8.09 -2.16
C LYS D 171 -11.47 6.95 -1.48
N HIS D 172 -10.80 7.24 -0.35
CA HIS D 172 -10.25 6.16 0.47
C HIS D 172 -11.37 5.22 0.97
N ALA D 173 -12.49 5.78 1.39
CA ALA D 173 -13.63 4.95 1.85
C ALA D 173 -14.13 4.03 0.72
N VAL D 174 -14.14 4.54 -0.51
CA VAL D 174 -14.52 3.71 -1.66
C VAL D 174 -13.60 2.49 -1.82
N ILE D 175 -12.30 2.68 -1.63
CA ILE D 175 -11.38 1.56 -1.69
C ILE D 175 -11.75 0.51 -0.63
N GLY D 176 -12.06 0.95 0.58
CA GLY D 176 -12.47 0.01 1.62
C GLY D 176 -13.72 -0.78 1.26
N LEU D 177 -14.67 -0.08 0.66
CA LEU D 177 -15.89 -0.70 0.14
C LEU D 177 -15.59 -1.75 -0.92
N VAL D 178 -14.76 -1.39 -1.89
CA VAL D 178 -14.41 -2.29 -2.98
C VAL D 178 -13.71 -3.54 -2.46
N ARG D 179 -12.74 -3.35 -1.56
CA ARG D 179 -12.03 -4.50 -1.01
C ARG D 179 -12.99 -5.44 -0.25
N SER D 180 -13.82 -4.85 0.60
CA SER D 180 -14.77 -5.62 1.39
C SER D 180 -15.80 -6.33 0.52
N ALA D 181 -16.40 -5.58 -0.40
CA ALA D 181 -17.40 -6.17 -1.27
C ALA D 181 -16.82 -7.31 -2.12
N SER D 182 -15.57 -7.15 -2.58
N SER D 182 -15.58 -7.15 -2.60
CA SER D 182 -14.95 -8.20 -3.39
CA SER D 182 -14.93 -8.19 -3.39
C SER D 182 -14.83 -9.49 -2.57
C SER D 182 -14.84 -9.48 -2.59
N MET D 183 -14.47 -9.36 -1.30
N MET D 183 -14.48 -9.34 -1.32
CA MET D 183 -14.34 -10.53 -0.43
CA MET D 183 -14.32 -10.51 -0.44
C MET D 183 -15.68 -11.17 -0.14
C MET D 183 -15.67 -11.17 -0.13
N GLN D 184 -16.71 -10.35 0.04
CA GLN D 184 -18.03 -10.85 0.45
C GLN D 184 -18.84 -11.43 -0.72
N LEU D 185 -18.63 -10.92 -1.92
CA LEU D 185 -19.45 -11.26 -3.08
C LEU D 185 -18.78 -12.24 -4.04
N GLY D 186 -17.50 -12.52 -3.83
CA GLY D 186 -16.81 -13.48 -4.66
C GLY D 186 -17.41 -14.87 -4.67
N ALA D 187 -18.06 -15.27 -3.57
CA ALA D 187 -18.71 -16.57 -3.51
C ALA D 187 -19.81 -16.73 -4.57
N HIS D 188 -20.39 -15.60 -4.98
CA HIS D 188 -21.41 -15.57 -6.03
C HIS D 188 -20.86 -15.18 -7.41
N SER D 189 -19.55 -15.27 -7.60
CA SER D 189 -18.89 -14.93 -8.86
C SER D 189 -19.12 -13.47 -9.25
N ILE D 190 -19.29 -12.59 -8.27
CA ILE D 190 -19.44 -11.18 -8.51
C ILE D 190 -18.07 -10.54 -8.21
N ARG D 191 -17.56 -9.78 -9.18
CA ARG D 191 -16.30 -9.05 -9.04
C ARG D 191 -16.60 -7.62 -8.65
N VAL D 192 -15.71 -7.04 -7.85
CA VAL D 192 -15.84 -5.66 -7.43
C VAL D 192 -14.46 -5.02 -7.54
N ASN D 193 -14.40 -3.91 -8.29
CA ASN D 193 -13.14 -3.21 -8.55
C ASN D 193 -13.41 -1.72 -8.60
N SER D 194 -12.34 -0.95 -8.65
CA SER D 194 -12.47 0.50 -8.91
C SER D 194 -11.57 0.92 -10.06
N VAL D 195 -11.95 2.04 -10.68
CA VAL D 195 -11.09 2.77 -11.60
C VAL D 195 -10.77 4.11 -10.96
N SER D 196 -9.56 4.61 -11.16
CA SER D 196 -9.11 5.84 -10.51
C SER D 196 -8.52 6.83 -11.51
N PRO D 197 -9.34 7.79 -11.95
CA PRO D 197 -8.85 8.85 -12.81
C PRO D 197 -8.16 9.96 -12.07
N MET D 198 -7.66 10.94 -12.84
CA MET D 198 -6.94 12.09 -12.30
C MET D 198 -7.08 13.37 -13.09
N ALA D 199 -7.02 13.29 -14.40
CA ALA D 199 -6.68 14.45 -15.23
C ALA D 199 -7.66 14.68 -16.39
N VAL D 200 -8.93 14.36 -16.17
CA VAL D 200 -9.97 14.57 -17.17
C VAL D 200 -10.73 15.83 -16.80
N ALA D 201 -10.70 16.85 -17.65
CA ALA D 201 -11.42 18.09 -17.37
C ALA D 201 -12.93 17.85 -17.55
N THR D 202 -13.69 18.10 -16.51
CA THR D 202 -15.14 17.87 -16.52
C THR D 202 -15.80 18.97 -15.68
N PRO D 203 -17.16 19.03 -15.69
CA PRO D 203 -17.82 19.99 -14.80
C PRO D 203 -17.44 19.81 -13.32
N LEU D 204 -17.19 18.59 -12.90
CA LEU D 204 -16.75 18.33 -11.53
C LEU D 204 -15.38 18.96 -11.26
N THR D 205 -14.41 18.76 -12.16
CA THR D 205 -13.07 19.27 -11.93
C THR D 205 -13.01 20.80 -12.05
N ARG D 206 -13.97 21.40 -12.77
CA ARG D 206 -14.10 22.85 -12.82
C ARG D 206 -14.26 23.48 -11.43
N ASN D 207 -14.81 22.72 -10.47
CA ASN D 207 -14.91 23.21 -9.09
C ASN D 207 -13.55 23.50 -8.44
N GLN D 208 -12.50 22.85 -8.92
CA GLN D 208 -11.13 23.13 -8.49
C GLN D 208 -10.27 23.74 -9.60
N GLY D 209 -10.90 24.47 -10.51
CA GLY D 209 -10.17 25.26 -11.51
C GLY D 209 -9.58 24.49 -12.70
N ILE D 210 -10.04 23.26 -12.92
CA ILE D 210 -9.58 22.46 -14.05
C ILE D 210 -10.73 22.40 -15.06
N SER D 211 -10.70 23.31 -16.03
CA SER D 211 -11.77 23.46 -17.01
C SER D 211 -11.41 22.97 -18.40
N THR D 212 -10.16 23.21 -18.82
CA THR D 212 -9.74 22.97 -20.19
C THR D 212 -8.57 21.99 -20.22
N PRO D 213 -8.30 21.40 -21.41
CA PRO D 213 -7.07 20.61 -21.56
C PRO D 213 -5.79 21.40 -21.20
N ASP D 214 -5.78 22.70 -21.47
CA ASP D 214 -4.64 23.54 -21.08
C ASP D 214 -4.47 23.64 -19.55
N ASP D 215 -5.57 23.75 -18.82
CA ASP D 215 -5.52 23.72 -17.34
C ASP D 215 -4.93 22.40 -16.85
N VAL D 216 -5.31 21.31 -17.49
CA VAL D 216 -4.74 20.01 -17.15
C VAL D 216 -3.23 20.03 -17.34
N GLN D 217 -2.77 20.54 -18.48
CA GLN D 217 -1.33 20.62 -18.76
C GLN D 217 -0.56 21.49 -17.76
N LYS D 218 -1.13 22.63 -17.41
CA LYS D 218 -0.45 23.59 -16.54
C LYS D 218 -0.43 23.15 -15.07
N PHE D 219 -1.57 22.63 -14.57
CA PHE D 219 -1.72 22.39 -13.13
C PHE D 219 -1.53 20.95 -12.71
N LEU D 220 -1.92 19.99 -13.55
CA LEU D 220 -1.89 18.59 -13.17
C LEU D 220 -0.70 17.82 -13.74
N MET D 221 -0.40 18.06 -15.01
N MET D 221 -0.39 18.04 -15.02
CA MET D 221 0.64 17.29 -15.68
CA MET D 221 0.65 17.23 -15.68
C MET D 221 2.05 17.36 -15.07
C MET D 221 2.07 17.35 -15.09
N PRO D 222 2.41 18.46 -14.39
CA PRO D 222 3.74 18.43 -13.72
C PRO D 222 3.88 17.30 -12.69
N PHE D 223 2.76 16.81 -12.19
CA PHE D 223 2.71 15.76 -11.18
C PHE D 223 2.49 14.37 -11.74
N ILE D 224 2.54 14.25 -13.06
CA ILE D 224 2.19 13.02 -13.77
C ILE D 224 3.38 12.57 -14.63
N SER D 225 3.74 11.29 -14.53
CA SER D 225 4.95 10.79 -15.21
C SER D 225 4.81 10.68 -16.71
N LEU D 226 3.65 10.20 -17.17
CA LEU D 226 3.51 9.85 -18.58
C LEU D 226 3.23 11.08 -19.40
N LYS D 227 4.14 11.38 -20.31
CA LYS D 227 4.05 12.55 -21.21
C LYS D 227 3.72 12.09 -22.63
N GLY D 228 3.24 13.02 -23.46
CA GLY D 228 2.91 12.73 -24.85
C GLY D 228 1.62 11.97 -25.07
N VAL D 229 0.80 11.82 -24.01
CA VAL D 229 -0.46 11.09 -24.10
C VAL D 229 -1.52 11.94 -23.40
N PRO D 230 -2.19 12.81 -24.15
CA PRO D 230 -3.15 13.69 -23.50
C PRO D 230 -4.27 12.91 -22.78
N PRO D 231 -4.58 13.30 -21.54
CA PRO D 231 -5.59 12.51 -20.81
C PRO D 231 -7.01 12.80 -21.29
N THR D 232 -7.84 11.75 -21.32
CA THR D 232 -9.22 11.85 -21.82
C THR D 232 -10.19 11.04 -20.98
N ALA D 233 -11.48 11.38 -21.07
CA ALA D 233 -12.52 10.60 -20.42
C ALA D 233 -12.58 9.18 -21.00
N GLU D 234 -12.32 9.08 -22.31
CA GLU D 234 -12.41 7.80 -23.00
C GLU D 234 -11.41 6.78 -22.47
N GLN D 235 -10.23 7.24 -22.02
CA GLN D 235 -9.25 6.32 -21.39
C GLN D 235 -9.82 5.65 -20.15
N VAL D 236 -10.56 6.42 -19.35
CA VAL D 236 -11.17 5.88 -18.14
C VAL D 236 -12.27 4.88 -18.55
N ALA D 237 -13.07 5.24 -19.54
CA ALA D 237 -14.10 4.36 -20.07
C ALA D 237 -13.50 3.03 -20.54
N GLU D 238 -12.33 3.06 -21.18
CA GLU D 238 -11.69 1.82 -21.62
C GLU D 238 -11.34 0.91 -20.45
N ALA D 239 -10.86 1.49 -19.36
CA ALA D 239 -10.55 0.70 -18.17
C ALA D 239 -11.82 0.10 -17.55
N ALA D 240 -12.89 0.88 -17.53
CA ALA D 240 -14.18 0.37 -17.04
C ALA D 240 -14.70 -0.76 -17.93
N ALA D 241 -14.54 -0.63 -19.23
CA ALA D 241 -15.01 -1.68 -20.16
C ALA D 241 -14.18 -2.96 -19.98
N PHE D 242 -12.87 -2.84 -19.81
CA PHE D 242 -12.03 -4.00 -19.48
C PHE D 242 -12.55 -4.70 -18.21
N LEU D 243 -12.70 -3.93 -17.13
CA LEU D 243 -13.14 -4.51 -15.86
C LEU D 243 -14.57 -5.07 -15.89
N GLY D 244 -15.43 -4.46 -16.71
CA GLY D 244 -16.81 -4.89 -16.84
C GLY D 244 -16.98 -6.14 -17.68
N SER D 245 -15.95 -6.50 -18.44
CA SER D 245 -16.00 -7.59 -19.41
C SER D 245 -15.32 -8.86 -18.89
N ASP D 246 -15.48 -9.94 -19.63
CA ASP D 246 -14.78 -11.19 -19.34
C ASP D 246 -13.27 -11.13 -19.60
N GLU D 247 -12.75 -10.04 -20.18
CA GLU D 247 -11.31 -9.85 -20.26
C GLU D 247 -10.70 -9.78 -18.88
N ALA D 248 -11.50 -9.36 -17.90
CA ALA D 248 -11.08 -9.25 -16.49
C ALA D 248 -11.80 -10.27 -15.61
N ALA D 249 -12.07 -11.46 -16.17
CA ALA D 249 -12.86 -12.50 -15.50
C ALA D 249 -12.36 -12.93 -14.13
N PHE D 250 -11.05 -12.80 -13.90
CA PHE D 250 -10.44 -13.25 -12.64
C PHE D 250 -9.79 -12.07 -11.90
N VAL D 251 -10.27 -10.86 -12.14
CA VAL D 251 -9.77 -9.65 -11.50
C VAL D 251 -10.81 -9.11 -10.54
N THR D 252 -10.47 -9.04 -9.25
CA THR D 252 -11.41 -8.51 -8.26
C THR D 252 -10.63 -7.93 -7.09
N GLY D 253 -11.28 -7.00 -6.40
CA GLY D 253 -10.71 -6.33 -5.24
C GLY D 253 -9.67 -5.28 -5.56
N HIS D 254 -9.63 -4.84 -6.80
CA HIS D 254 -8.50 -4.10 -7.35
C HIS D 254 -8.89 -2.68 -7.71
N ASP D 255 -7.95 -1.75 -7.51
CA ASP D 255 -8.07 -0.38 -8.03
C ASP D 255 -7.16 -0.23 -9.23
N LEU D 256 -7.75 0.17 -10.36
CA LEU D 256 -7.06 0.34 -11.62
C LEU D 256 -6.93 1.83 -11.94
N PRO D 257 -5.75 2.41 -11.71
CA PRO D 257 -5.59 3.86 -11.93
C PRO D 257 -5.37 4.18 -13.39
N VAL D 258 -6.04 5.22 -13.87
CA VAL D 258 -5.90 5.72 -15.21
C VAL D 258 -5.47 7.15 -15.02
N ASP D 259 -4.20 7.32 -14.70
CA ASP D 259 -3.72 8.61 -14.19
C ASP D 259 -2.31 8.99 -14.63
N GLY D 260 -1.73 8.24 -15.56
CA GLY D 260 -0.41 8.58 -16.06
C GLY D 260 0.74 8.42 -15.10
N GLY D 261 0.50 7.80 -13.95
CA GLY D 261 1.50 7.67 -12.91
C GLY D 261 1.63 8.95 -12.12
N VAL D 262 0.87 9.06 -11.03
CA VAL D 262 0.85 10.27 -10.23
C VAL D 262 2.00 10.24 -9.23
N LEU D 263 2.87 11.23 -9.31
CA LEU D 263 4.00 11.33 -8.39
C LEU D 263 3.52 11.67 -6.99
N CYS D 264 2.68 12.69 -6.91
CA CYS D 264 2.01 13.14 -5.68
C CYS D 264 0.89 14.07 -6.14
N MET D 265 -0.06 14.36 -5.26
CA MET D 265 -1.14 15.27 -5.63
C MET D 265 -0.60 16.72 -5.75
N PRO D 266 -1.14 17.49 -6.70
CA PRO D 266 -0.67 18.89 -6.86
C PRO D 266 -0.78 19.77 -5.61
N PHE D 267 0.13 20.73 -5.46
CA PHE D 267 0.04 21.71 -4.34
C PHE D 267 -1.09 22.73 -4.57
N LEU D 268 -1.55 23.36 -3.49
CA LEU D 268 -2.34 24.61 -3.56
C LEU D 268 -1.41 25.82 -3.71
PA NAD E . -14.32 1.31 23.93
O1A NAD E . -15.79 1.00 23.83
O2A NAD E . -13.59 0.85 25.15
O5B NAD E . -14.09 2.86 23.79
C5B NAD E . -14.70 3.67 22.78
C4B NAD E . -15.02 5.01 23.44
O4B NAD E . -15.44 5.91 22.41
C3B NAD E . -16.16 4.88 24.47
O3B NAD E . -15.82 5.41 25.75
C2B NAD E . -17.29 5.64 23.78
O2B NAD E . -18.24 6.27 24.66
C1B NAD E . -16.51 6.65 22.96
N9A NAD E . -17.35 7.31 21.95
C8A NAD E . -18.21 6.72 21.09
N7A NAD E . -18.84 7.63 20.35
C5A NAD E . -18.39 8.84 20.76
C6A NAD E . -18.64 10.23 20.37
N6A NAD E . -19.55 10.52 19.42
N1A NAD E . -17.95 11.18 21.03
C2A NAD E . -17.05 10.90 22.00
N3A NAD E . -16.75 9.65 22.40
C4A NAD E . -17.39 8.61 21.80
O3 NAD E . -13.66 0.69 22.60
PN NAD E . -12.16 0.68 22.04
O1N NAD E . -11.15 1.13 23.07
O2N NAD E . -12.01 -0.66 21.39
O5D NAD E . -12.25 1.82 20.90
C5D NAD E . -11.28 2.85 20.75
C4D NAD E . -10.88 2.94 19.29
O4D NAD E . -10.14 1.79 18.91
C3D NAD E . -12.06 3.03 18.32
O3D NAD E . -11.85 4.10 17.38
C2D NAD E . -12.04 1.67 17.62
O2D NAD E . -12.65 1.74 16.32
C1D NAD E . -10.56 1.38 17.61
N1N NAD E . -10.21 -0.02 17.38
C2N NAD E . -10.21 -0.90 18.39
C3N NAD E . -9.84 -2.21 18.21
C7N NAD E . -9.82 -3.19 19.35
O7N NAD E . -9.21 -4.23 19.19
N7N NAD E . -10.41 -2.92 20.51
C4N NAD E . -9.49 -2.64 16.94
C5N NAD E . -9.51 -1.71 15.90
C6N NAD E . -9.85 -0.40 16.13
CL CL F . -10.13 -3.60 12.84
CL CL F . -10.11 -2.67 12.51
PA NAD G . 26.69 4.74 6.15
O1A NAD G . 27.46 4.54 4.87
O2A NAD G . 26.97 5.80 7.13
O5B NAD G . 26.72 3.35 6.97
C5B NAD G . 26.64 2.11 6.28
C4B NAD G . 27.52 1.14 7.01
O4B NAD G . 27.29 -0.16 6.42
C3B NAD G . 29.02 1.46 6.90
O3B NAD G . 29.68 1.49 8.18
C2B NAD G . 29.51 0.35 6.00
O2B NAD G . 30.90 -0.01 6.17
C1B NAD G . 28.54 -0.79 6.30
N9A NAD G . 28.56 -1.81 5.26
C8A NAD G . 28.54 -1.66 3.91
N7A NAD G . 28.65 -2.85 3.28
C5A NAD G . 28.76 -3.77 4.25
C6A NAD G . 28.90 -5.21 4.29
N6A NAD G . 28.95 -5.94 3.17
N1A NAD G . 28.97 -5.79 5.49
C2A NAD G . 28.94 -5.08 6.63
N3A NAD G . 28.81 -3.76 6.70
C4A NAD G . 28.71 -3.08 5.54
O3 NAD G . 25.16 4.80 5.63
PN NAD G . 23.77 5.11 6.36
O1N NAD G . 23.87 5.17 7.86
O2N NAD G . 23.17 6.27 5.60
O5D NAD G . 22.97 3.79 5.93
C5D NAD G . 22.43 2.87 6.87
C4D NAD G . 21.24 2.19 6.22
O4D NAD G . 20.22 3.16 6.10
C3D NAD G . 21.52 1.61 4.84
O3D NAD G . 20.87 0.34 4.73
C2D NAD G . 20.84 2.61 3.93
O2D NAD G . 20.42 2.04 2.69
C1D NAD G . 19.66 3.04 4.79
N1N NAD G . 19.06 4.31 4.41
C2N NAD G . 19.66 5.47 4.76
C3N NAD G . 19.14 6.69 4.39
C7N NAD G . 19.73 7.99 4.81
O7N NAD G . 18.98 8.97 4.83
N7N NAD G . 20.98 8.08 5.24
C4N NAD G . 17.93 6.70 3.66
C5N NAD G . 17.34 5.51 3.31
C6N NAD G . 17.91 4.31 3.69
CL CL H . 15.43 6.09 0.34
CL CL H . 15.38 5.18 0.32
PA NAD I . 6.49 -21.72 -16.84
O1A NAD I . 7.45 -22.71 -16.22
O2A NAD I . 5.38 -22.24 -17.72
O5B NAD I . 7.31 -20.66 -17.72
C5B NAD I . 8.51 -20.06 -17.23
C4B NAD I . 9.42 -19.89 -18.45
O4B NAD I . 10.52 -19.02 -18.09
C3B NAD I . 9.98 -21.21 -18.97
O3B NAD I . 9.75 -21.42 -20.37
C2B NAD I . 11.46 -21.08 -18.63
O2B NAD I . 12.36 -21.78 -19.50
C1B NAD I . 11.66 -19.58 -18.72
N9A NAD I . 12.92 -19.15 -18.11
C8A NAD I . 13.41 -19.52 -16.90
N7A NAD I . 14.61 -18.94 -16.68
C5A NAD I . 14.91 -18.23 -17.77
C6A NAD I . 16.03 -17.39 -18.21
N6A NAD I . 17.08 -17.23 -17.39
N1A NAD I . 15.95 -16.81 -19.43
C2A NAD I . 14.90 -16.98 -20.24
N3A NAD I . 13.84 -17.73 -19.93
C4A NAD I . 13.79 -18.38 -18.72
O3 NAD I . 5.94 -20.82 -15.63
PN NAD I . 4.86 -19.63 -15.49
O1N NAD I . 4.12 -19.37 -16.78
O2N NAD I . 4.07 -19.92 -14.25
O5D NAD I . 5.85 -18.43 -15.21
C5D NAD I . 5.80 -17.17 -15.88
C4D NAD I . 5.92 -16.04 -14.86
O4D NAD I . 4.73 -16.01 -14.07
C3D NAD I . 7.08 -16.19 -13.88
O3D NAD I . 7.77 -14.95 -13.76
C2D NAD I . 6.40 -16.56 -12.58
O2D NAD I . 7.19 -16.16 -11.46
C1D NAD I . 5.10 -15.78 -12.71
N1N NAD I . 4.01 -16.22 -11.82
C2N NAD I . 3.24 -17.26 -12.16
C3N NAD I . 2.20 -17.69 -11.33
C7N NAD I . 1.32 -18.84 -11.72
O7N NAD I . 0.27 -18.96 -11.09
N7N NAD I . 1.64 -19.67 -12.70
C4N NAD I . 1.98 -17.01 -10.12
C5N NAD I . 2.79 -15.92 -9.81
C6N NAD I . 3.81 -15.55 -10.68
CL CL J . 2.69 -15.54 -6.32
CL CL J . 3.41 -14.89 -6.44
PA NAD K . -18.97 15.13 -14.17
O1A NAD K . -19.39 16.38 -13.47
O2A NAD K . -18.82 15.12 -15.65
O5B NAD K . -20.01 13.98 -13.86
C5B NAD K . -20.46 13.72 -12.52
C4B NAD K . -21.92 13.30 -12.65
O4B NAD K . -22.38 12.80 -11.37
C3B NAD K . -22.86 14.46 -13.05
O3B NAD K . -23.67 14.12 -14.21
C2B NAD K . -23.70 14.63 -11.80
O2B NAD K . -25.05 15.13 -12.00
C1B NAD K . -23.72 13.23 -11.21
N9A NAD K . -24.15 13.21 -9.80
C8A NAD K . -23.76 14.03 -8.81
N7A NAD K . -24.42 13.75 -7.67
C5A NAD K . -25.28 12.75 -7.97
C6A NAD K . -26.28 11.97 -7.22
N6A NAD K . -26.47 12.25 -5.92
N1A NAD K . -26.94 11.00 -7.88
C2A NAD K . -26.72 10.75 -9.19
N3A NAD K . -25.83 11.43 -9.95
C4A NAD K . -25.09 12.40 -9.37
O3 NAD K . -17.61 14.65 -13.42
PN NAD K . -16.59 13.43 -13.66
O1N NAD K . -16.89 12.65 -14.90
O2N NAD K . -15.23 14.03 -13.46
O5D NAD K . -16.96 12.52 -12.39
C5D NAD K . -17.23 11.12 -12.44
C4D NAD K . -16.46 10.44 -11.32
O4D NAD K . -15.06 10.48 -11.59
C3D NAD K . -16.68 11.07 -9.94
O3D NAD K . -16.93 10.04 -8.95
C2D NAD K . -15.37 11.75 -9.66
O2D NAD K . -15.13 11.89 -8.26
C1D NAD K . -14.40 10.81 -10.35
N1N NAD K . -13.07 11.36 -10.63
C2N NAD K . -12.85 12.15 -11.71
C3N NAD K . -11.61 12.68 -12.01
C7N NAD K . -11.37 13.53 -13.22
O7N NAD K . -10.21 13.66 -13.58
N7N NAD K . -12.39 14.09 -13.88
C4N NAD K . -10.53 12.40 -11.15
C5N NAD K . -10.78 11.59 -10.04
C6N NAD K . -12.05 11.08 -9.80
CL CL L . -8.21 12.60 -7.71
CL CL L . -8.72 12.00 -7.15
#